data_1G6O
#
_entry.id   1G6O
#
_cell.length_a   112.620
_cell.length_b   112.620
_cell.length_c   234.830
_cell.angle_alpha   90.00
_cell.angle_beta   90.00
_cell.angle_gamma   120.00
#
_symmetry.space_group_name_H-M   'P 63 2 2'
#
loop_
_entity.id
_entity.type
_entity.pdbx_description
1 polymer CAG-ALPHA
2 non-polymer "ADENOSINE-5'-DIPHOSPHATE"
3 non-polymer DI(HYDROXYETHYL)ETHER
4 water water
#
_entity_poly.entity_id   1
_entity_poly.type   'polypeptide(L)'
_entity_poly.pdbx_seq_one_letter_code
;MTEDRLSAEDKKFLEVERALKEAALNPLRHATEELFGDFLK(MSE)ENITEICYNGNKVVWVLKNNGEWQPFDVRDRKAF
SLSRL(MSE)HFARCCASFKKKTIDNYENPILSSNLANGERVQIVLSPVTVNDETISISIRIPSKTTYPHSFFEEQGFYN
LLDNKEQAISAIKDGIAIGKNVIVCGGTGSGKTTYIKSI(MSE)EFIPKEERIISIEDTEEIVFKHHKNYTQLFFGGNIT
SADCLKSCLR(MSE)RPDRIILGELRSSEAYDFYNVLCSGHKGTLTTLHAGSSEEAFIRLAN(MSE)SSSNSAARNIKFE
SLIEGFKDLID(MSE)IVHINHHKQCDEFYIKHR
;
_entity_poly.pdbx_strand_id   A,B
#
loop_
_chem_comp.id
_chem_comp.type
_chem_comp.name
_chem_comp.formula
ADP non-polymer ADENOSINE-5'-DIPHOSPHATE 'C10 H15 N5 O10 P2'
PEG non-polymer DI(HYDROXYETHYL)ETHER 'C4 H10 O3'
#
# COMPACT_ATOMS: atom_id res chain seq x y z
N LEU A 6 -17.68 -20.75 18.50
CA LEU A 6 -17.82 -19.49 17.70
C LEU A 6 -18.23 -19.79 16.25
N SER A 7 -17.95 -20.99 15.77
CA SER A 7 -18.31 -21.34 14.40
C SER A 7 -19.82 -21.26 14.17
N ALA A 8 -20.59 -21.80 15.10
CA ALA A 8 -22.05 -21.76 14.98
C ALA A 8 -22.48 -20.29 14.93
N GLU A 9 -21.99 -19.51 15.88
CA GLU A 9 -22.31 -18.10 15.97
C GLU A 9 -21.77 -17.36 14.73
N ASP A 10 -20.73 -17.90 14.11
CA ASP A 10 -20.13 -17.28 12.92
C ASP A 10 -20.94 -17.62 11.67
N LYS A 11 -21.51 -18.81 11.63
CA LYS A 11 -22.33 -19.23 10.50
C LYS A 11 -23.59 -18.37 10.41
N LYS A 12 -24.22 -18.07 11.54
CA LYS A 12 -25.40 -17.22 11.55
C LYS A 12 -25.01 -15.79 11.15
N PHE A 13 -23.76 -15.43 11.40
CA PHE A 13 -23.31 -14.10 11.04
C PHE A 13 -23.17 -13.94 9.53
N LEU A 14 -22.77 -15.01 8.87
CA LEU A 14 -22.54 -14.99 7.42
C LEU A 14 -23.73 -15.46 6.59
N GLU A 15 -24.72 -16.06 7.26
CA GLU A 15 -25.94 -16.59 6.64
C GLU A 15 -26.52 -15.75 5.51
N VAL A 16 -26.84 -14.48 5.79
CA VAL A 16 -27.43 -13.57 4.81
C VAL A 16 -26.60 -13.19 3.61
N GLU A 17 -25.33 -12.90 3.86
CA GLU A 17 -24.40 -12.54 2.79
C GLU A 17 -24.07 -13.79 1.93
N ARG A 18 -23.90 -14.95 2.56
CA ARG A 18 -23.58 -16.14 1.80
C ARG A 18 -24.69 -16.52 0.83
N ALA A 19 -25.91 -16.48 1.36
CA ALA A 19 -27.15 -16.79 0.65
C ALA A 19 -27.27 -15.94 -0.57
N LEU A 20 -26.97 -14.65 -0.43
CA LEU A 20 -27.03 -13.72 -1.54
C LEU A 20 -26.01 -14.03 -2.61
N LYS A 21 -24.82 -14.48 -2.21
CA LYS A 21 -23.79 -14.82 -3.21
C LYS A 21 -24.20 -16.11 -3.93
N GLU A 22 -24.62 -17.11 -3.16
CA GLU A 22 -25.01 -18.36 -3.76
C GLU A 22 -26.17 -18.21 -4.77
N ALA A 23 -27.12 -17.34 -4.51
CA ALA A 23 -28.22 -17.14 -5.45
C ALA A 23 -27.73 -16.54 -6.77
N ALA A 24 -26.73 -15.68 -6.66
CA ALA A 24 -26.13 -15.00 -7.81
C ALA A 24 -25.06 -15.82 -8.51
N LEU A 25 -24.34 -16.63 -7.76
CA LEU A 25 -23.27 -17.40 -8.36
C LEU A 25 -23.63 -18.80 -8.89
N ASN A 26 -24.65 -19.44 -8.32
CA ASN A 26 -24.96 -20.77 -8.80
C ASN A 26 -25.42 -20.86 -10.21
N PRO A 27 -26.16 -19.86 -10.71
CA PRO A 27 -26.55 -20.05 -12.10
C PRO A 27 -25.28 -20.08 -12.98
N LEU A 28 -24.30 -19.26 -12.61
CA LEU A 28 -23.03 -19.17 -13.30
C LEU A 28 -22.12 -20.39 -13.10
N ARG A 29 -22.22 -21.06 -11.95
CA ARG A 29 -21.42 -22.26 -11.71
C ARG A 29 -21.87 -23.38 -12.62
N HIS A 30 -23.18 -23.46 -12.84
CA HIS A 30 -23.74 -24.50 -13.70
C HIS A 30 -23.43 -24.24 -15.15
N ALA A 31 -23.65 -23.02 -15.64
CA ALA A 31 -23.37 -22.66 -17.04
C ALA A 31 -21.88 -22.83 -17.40
N THR A 32 -21.01 -22.50 -16.45
CA THR A 32 -19.57 -22.62 -16.64
C THR A 32 -19.12 -24.07 -16.79
N GLU A 33 -19.66 -24.96 -15.96
CA GLU A 33 -19.29 -26.37 -16.03
C GLU A 33 -19.83 -26.99 -17.30
N GLU A 34 -21.08 -26.68 -17.61
CA GLU A 34 -21.74 -27.17 -18.82
C GLU A 34 -20.93 -26.93 -20.09
N LEU A 35 -20.49 -25.69 -20.32
CA LEU A 35 -19.72 -25.34 -21.51
C LEU A 35 -18.24 -25.61 -21.49
N PHE A 36 -17.58 -25.24 -20.38
CA PHE A 36 -16.12 -25.35 -20.27
C PHE A 36 -15.51 -26.29 -19.23
N GLY A 37 -16.30 -27.16 -18.60
CA GLY A 37 -15.74 -28.06 -17.59
C GLY A 37 -14.55 -28.90 -18.04
N ASP A 38 -14.65 -29.52 -19.21
CA ASP A 38 -13.60 -30.36 -19.77
C ASP A 38 -12.30 -29.60 -19.99
N PHE A 39 -12.44 -28.36 -20.46
CA PHE A 39 -11.28 -27.53 -20.74
C PHE A 39 -10.65 -26.95 -19.50
N LEU A 40 -11.44 -26.56 -18.51
CA LEU A 40 -10.89 -26.00 -17.28
C LEU A 40 -10.19 -27.08 -16.44
N LYS A 41 -10.37 -28.35 -16.83
CA LYS A 41 -9.75 -29.48 -16.12
C LYS A 41 -8.37 -29.79 -16.71
N MSE A 42 -8.14 -29.33 -17.93
CA MSE A 42 -6.90 -29.56 -18.65
C MSE A 42 -5.67 -29.03 -17.92
O MSE A 42 -5.71 -27.97 -17.28
CB MSE A 42 -6.98 -28.95 -20.04
CG MSE A 42 -8.12 -29.53 -20.83
SE MSE A 42 -8.26 -29.06 -22.69
CE MSE A 42 -9.54 -30.41 -23.30
N GLU A 43 -4.57 -29.77 -18.05
CA GLU A 43 -3.31 -29.44 -17.40
C GLU A 43 -2.40 -28.55 -18.25
N ASN A 44 -1.69 -27.64 -17.58
CA ASN A 44 -0.77 -26.74 -18.26
C ASN A 44 -1.35 -25.86 -19.36
N ILE A 45 -2.56 -25.36 -19.16
CA ILE A 45 -3.17 -24.48 -20.14
C ILE A 45 -3.11 -23.04 -19.58
N THR A 46 -3.22 -22.05 -20.46
CA THR A 46 -3.10 -20.68 -20.02
C THR A 46 -4.26 -19.81 -20.53
N GLU A 47 -5.02 -20.31 -21.49
CA GLU A 47 -6.10 -19.54 -22.06
C GLU A 47 -7.00 -20.48 -22.81
N ILE A 48 -8.29 -20.18 -22.82
CA ILE A 48 -9.30 -20.96 -23.53
C ILE A 48 -10.08 -19.95 -24.33
N CYS A 49 -10.24 -20.21 -25.62
CA CYS A 49 -10.95 -19.29 -26.48
C CYS A 49 -11.96 -19.97 -27.39
N TYR A 50 -13.12 -19.33 -27.54
CA TYR A 50 -14.16 -19.80 -28.42
C TYR A 50 -14.31 -18.67 -29.40
N ASN A 51 -14.16 -18.96 -30.69
CA ASN A 51 -14.26 -17.94 -31.73
C ASN A 51 -15.66 -17.87 -32.38
N GLY A 52 -16.63 -18.54 -31.78
CA GLY A 52 -17.96 -18.50 -32.33
C GLY A 52 -18.13 -19.31 -33.60
N ASN A 53 -17.32 -20.33 -33.79
CA ASN A 53 -17.45 -21.13 -35.01
C ASN A 53 -17.34 -22.62 -34.72
N LYS A 54 -17.99 -23.04 -33.63
CA LYS A 54 -18.04 -24.43 -33.21
C LYS A 54 -16.71 -25.09 -32.91
N VAL A 55 -15.70 -24.30 -32.58
CA VAL A 55 -14.39 -24.85 -32.23
C VAL A 55 -13.84 -24.11 -31.00
N VAL A 56 -13.32 -24.86 -30.03
CA VAL A 56 -12.73 -24.25 -28.83
C VAL A 56 -11.19 -24.38 -28.94
N TRP A 57 -10.50 -23.26 -28.78
CA TRP A 57 -9.07 -23.25 -28.88
C TRP A 57 -8.47 -23.10 -27.52
N VAL A 58 -7.54 -23.98 -27.20
CA VAL A 58 -6.88 -23.93 -25.92
C VAL A 58 -5.41 -23.61 -26.15
N LEU A 59 -4.82 -22.80 -25.27
CA LEU A 59 -3.42 -22.45 -25.38
C LEU A 59 -2.59 -23.14 -24.28
N LYS A 60 -1.69 -24.01 -24.70
CA LYS A 60 -0.83 -24.73 -23.79
C LYS A 60 0.33 -23.85 -23.32
N ASN A 61 0.93 -24.16 -22.19
CA ASN A 61 2.11 -23.40 -21.72
C ASN A 61 3.29 -23.57 -22.71
N ASN A 62 3.26 -24.62 -23.54
CA ASN A 62 4.35 -24.83 -24.50
C ASN A 62 4.19 -23.92 -25.74
N GLY A 63 3.27 -22.94 -25.63
CA GLY A 63 3.02 -21.99 -26.72
C GLY A 63 2.24 -22.52 -27.92
N GLU A 64 1.70 -23.71 -27.78
CA GLU A 64 0.93 -24.33 -28.85
C GLU A 64 -0.59 -24.19 -28.64
N TRP A 65 -1.33 -23.92 -29.73
CA TRP A 65 -2.79 -23.80 -29.66
C TRP A 65 -3.40 -25.14 -30.12
N GLN A 66 -4.24 -25.75 -29.28
CA GLN A 66 -4.88 -27.03 -29.63
C GLN A 66 -6.42 -26.88 -29.85
N PRO A 67 -6.90 -27.03 -31.11
CA PRO A 67 -8.34 -26.90 -31.37
C PRO A 67 -9.16 -28.15 -30.99
N PHE A 68 -10.41 -27.91 -30.60
CA PHE A 68 -11.35 -28.98 -30.22
C PHE A 68 -12.68 -28.72 -30.87
N ASP A 69 -13.21 -29.76 -31.53
CA ASP A 69 -14.50 -29.64 -32.19
C ASP A 69 -15.68 -29.80 -31.25
N VAL A 70 -16.57 -28.80 -31.22
CA VAL A 70 -17.76 -28.81 -30.35
C VAL A 70 -19.08 -28.65 -31.13
N ARG A 71 -19.07 -29.18 -32.33
CA ARG A 71 -20.18 -29.10 -33.24
C ARG A 71 -21.38 -29.88 -32.76
N ASP A 72 -21.14 -30.97 -32.05
CA ASP A 72 -22.26 -31.77 -31.57
C ASP A 72 -22.70 -31.53 -30.13
N ARG A 73 -22.36 -30.37 -29.58
CA ARG A 73 -22.72 -30.02 -28.22
C ARG A 73 -23.78 -28.95 -28.15
N LYS A 74 -24.78 -29.17 -27.29
CA LYS A 74 -25.86 -28.22 -27.16
C LYS A 74 -25.45 -27.05 -26.29
N ALA A 75 -24.35 -27.19 -25.56
CA ALA A 75 -23.85 -26.13 -24.69
C ALA A 75 -23.30 -25.02 -25.55
N PHE A 76 -22.94 -25.34 -26.79
CA PHE A 76 -22.46 -24.31 -27.68
C PHE A 76 -23.53 -23.89 -28.71
N SER A 77 -24.76 -23.86 -28.24
CA SER A 77 -25.96 -23.47 -28.98
C SER A 77 -26.09 -21.97 -28.68
N LEU A 78 -26.56 -21.16 -29.61
CA LEU A 78 -26.66 -19.72 -29.35
C LEU A 78 -27.39 -19.37 -28.04
N SER A 79 -28.46 -20.10 -27.74
CA SER A 79 -29.21 -19.80 -26.54
C SER A 79 -28.48 -20.16 -25.26
N ARG A 80 -27.66 -21.22 -25.28
CA ARG A 80 -26.87 -21.66 -24.13
C ARG A 80 -25.69 -20.71 -23.91
N LEU A 81 -25.08 -20.24 -25.01
CA LEU A 81 -23.98 -19.30 -24.96
C LEU A 81 -24.42 -17.95 -24.38
N MSE A 82 -25.60 -17.47 -24.80
CA MSE A 82 -26.21 -16.19 -24.33
C MSE A 82 -26.62 -16.27 -22.85
O MSE A 82 -26.52 -15.29 -22.09
CB MSE A 82 -27.41 -15.87 -25.22
CG MSE A 82 -27.84 -14.41 -25.19
SE MSE A 82 -26.34 -13.21 -25.50
CE MSE A 82 -25.94 -13.70 -27.35
N HIS A 83 -27.09 -17.43 -22.42
CA HIS A 83 -27.42 -17.66 -21.03
C HIS A 83 -26.08 -17.43 -20.27
N PHE A 84 -25.04 -18.16 -20.68
CA PHE A 84 -23.70 -18.05 -20.04
C PHE A 84 -23.20 -16.62 -19.97
N ALA A 85 -23.36 -15.89 -21.08
CA ALA A 85 -22.93 -14.51 -21.16
C ALA A 85 -23.73 -13.71 -20.15
N ARG A 86 -25.05 -13.86 -20.17
CA ARG A 86 -25.91 -13.15 -19.22
C ARG A 86 -25.57 -13.45 -17.75
N CYS A 87 -25.20 -14.69 -17.44
CA CYS A 87 -24.78 -15.09 -16.09
C CYS A 87 -23.48 -14.43 -15.72
N CYS A 88 -22.63 -14.17 -16.71
CA CYS A 88 -21.37 -13.54 -16.42
C CYS A 88 -21.54 -12.08 -16.09
N ALA A 89 -22.34 -11.39 -16.90
CA ALA A 89 -22.58 -9.96 -16.70
C ALA A 89 -23.24 -9.69 -15.34
N SER A 90 -24.36 -10.39 -15.10
CA SER A 90 -25.08 -10.26 -13.85
C SER A 90 -24.19 -10.47 -12.62
N PHE A 91 -23.36 -11.51 -12.62
CA PHE A 91 -22.48 -11.77 -11.47
C PHE A 91 -21.64 -10.54 -11.06
N LYS A 92 -21.21 -9.74 -12.03
CA LYS A 92 -20.43 -8.53 -11.74
C LYS A 92 -21.34 -7.32 -11.84
N LYS A 93 -22.64 -7.56 -11.71
CA LYS A 93 -23.65 -6.51 -11.79
C LYS A 93 -23.54 -5.69 -13.06
N LYS A 94 -23.42 -6.38 -14.20
CA LYS A 94 -23.34 -5.70 -15.49
C LYS A 94 -24.44 -6.22 -16.42
N THR A 95 -24.45 -5.71 -17.63
CA THR A 95 -25.43 -6.14 -18.62
C THR A 95 -24.65 -6.41 -19.92
N ILE A 96 -25.16 -7.34 -20.74
CA ILE A 96 -24.52 -7.66 -22.03
C ILE A 96 -25.68 -7.80 -23.04
N ASP A 97 -25.59 -7.05 -24.15
CA ASP A 97 -26.63 -7.05 -25.18
C ASP A 97 -26.08 -6.68 -26.58
N ASN A 98 -26.96 -6.61 -27.57
CA ASN A 98 -26.53 -6.28 -28.94
C ASN A 98 -26.66 -4.82 -29.28
N TYR A 99 -26.60 -3.98 -28.27
CA TYR A 99 -26.73 -2.55 -28.47
C TYR A 99 -25.64 -1.74 -27.75
N GLU A 100 -25.92 -1.18 -26.59
CA GLU A 100 -24.89 -0.40 -25.94
C GLU A 100 -23.92 -1.23 -25.12
N ASN A 101 -24.07 -2.55 -25.09
CA ASN A 101 -23.17 -3.38 -24.29
C ASN A 101 -22.75 -4.72 -24.93
N PRO A 102 -22.22 -4.69 -26.17
CA PRO A 102 -21.79 -5.92 -26.86
C PRO A 102 -20.43 -6.46 -26.44
N ILE A 103 -19.69 -5.67 -25.66
CA ILE A 103 -18.37 -6.04 -25.14
C ILE A 103 -18.49 -6.17 -23.63
N LEU A 104 -18.02 -7.28 -23.05
CA LEU A 104 -18.12 -7.45 -21.61
C LEU A 104 -16.87 -8.02 -20.99
N SER A 105 -16.46 -7.46 -19.85
CA SER A 105 -15.31 -7.94 -19.10
C SER A 105 -15.88 -8.41 -17.74
N SER A 106 -15.53 -9.63 -17.36
CA SER A 106 -16.02 -10.22 -16.11
C SER A 106 -15.12 -11.35 -15.61
N ASN A 107 -15.65 -12.19 -14.74
CA ASN A 107 -14.87 -13.27 -14.17
C ASN A 107 -15.79 -14.45 -13.95
N LEU A 108 -15.19 -15.63 -13.90
CA LEU A 108 -15.96 -16.83 -13.63
C LEU A 108 -16.09 -16.88 -12.09
N ALA A 109 -16.69 -17.94 -11.55
CA ALA A 109 -16.86 -18.10 -10.09
C ALA A 109 -15.58 -18.14 -9.27
N ASN A 110 -14.53 -18.77 -9.79
CA ASN A 110 -13.28 -18.86 -9.05
C ASN A 110 -12.28 -17.75 -9.35
N GLY A 111 -12.71 -16.69 -10.02
CA GLY A 111 -11.78 -15.60 -10.30
C GLY A 111 -11.22 -15.39 -11.71
N GLU A 112 -11.07 -16.45 -12.50
CA GLU A 112 -10.52 -16.27 -13.84
C GLU A 112 -11.23 -15.18 -14.62
N ARG A 113 -10.46 -14.33 -15.31
CA ARG A 113 -10.98 -13.23 -16.13
C ARG A 113 -11.57 -13.74 -17.45
N VAL A 114 -12.69 -13.13 -17.86
CA VAL A 114 -13.41 -13.51 -19.08
C VAL A 114 -13.71 -12.30 -19.95
N GLN A 115 -13.66 -12.50 -21.26
CA GLN A 115 -13.94 -11.42 -22.19
C GLN A 115 -14.90 -11.95 -23.21
N ILE A 116 -16.10 -11.36 -23.26
CA ILE A 116 -17.14 -11.75 -24.22
C ILE A 116 -17.51 -10.61 -25.16
N VAL A 117 -17.62 -10.94 -26.45
CA VAL A 117 -18.00 -9.96 -27.46
C VAL A 117 -19.17 -10.49 -28.28
N LEU A 118 -20.14 -9.61 -28.57
CA LEU A 118 -21.31 -9.99 -29.34
C LEU A 118 -21.47 -9.14 -30.60
N SER A 119 -22.50 -9.53 -31.35
CA SER A 119 -22.92 -8.87 -32.57
C SER A 119 -23.53 -7.55 -32.05
N PRO A 120 -23.32 -6.42 -32.77
CA PRO A 120 -22.62 -6.10 -34.01
C PRO A 120 -21.10 -6.02 -34.04
N VAL A 121 -20.44 -6.17 -32.89
CA VAL A 121 -18.98 -6.11 -32.85
C VAL A 121 -18.32 -7.36 -33.46
N THR A 122 -18.90 -8.54 -33.26
CA THR A 122 -18.32 -9.73 -33.89
C THR A 122 -18.74 -9.67 -35.39
N VAL A 123 -18.17 -10.52 -36.24
CA VAL A 123 -18.46 -10.50 -37.68
C VAL A 123 -19.92 -10.62 -38.10
N ASN A 124 -20.66 -11.42 -37.36
CA ASN A 124 -22.07 -11.63 -37.67
C ASN A 124 -22.91 -12.17 -36.54
N ASP A 125 -24.17 -12.32 -36.94
CA ASP A 125 -25.35 -12.79 -36.23
C ASP A 125 -25.18 -14.05 -35.36
N GLU A 126 -24.49 -15.05 -35.88
CA GLU A 126 -24.26 -16.33 -35.20
C GLU A 126 -22.90 -16.52 -34.54
N THR A 127 -22.18 -15.43 -34.35
CA THR A 127 -20.86 -15.49 -33.76
C THR A 127 -20.72 -14.85 -32.40
N ILE A 128 -20.45 -15.66 -31.39
CA ILE A 128 -20.23 -15.17 -30.04
C ILE A 128 -18.76 -15.52 -29.65
N SER A 129 -18.04 -14.50 -29.19
CA SER A 129 -16.65 -14.68 -28.83
C SER A 129 -16.42 -14.67 -27.31
N ILE A 130 -15.73 -15.69 -26.83
CA ILE A 130 -15.42 -15.82 -25.43
C ILE A 130 -13.98 -16.23 -25.24
N SER A 131 -13.30 -15.58 -24.29
CA SER A 131 -11.90 -15.94 -23.95
C SER A 131 -11.60 -15.81 -22.45
N ILE A 132 -11.20 -16.93 -21.88
CA ILE A 132 -10.91 -17.04 -20.45
C ILE A 132 -9.40 -17.18 -20.21
N ARG A 133 -8.87 -16.44 -19.25
CA ARG A 133 -7.45 -16.49 -18.92
C ARG A 133 -7.29 -17.31 -17.65
N ILE A 134 -6.45 -18.34 -17.69
CA ILE A 134 -6.24 -19.18 -16.52
C ILE A 134 -5.06 -18.67 -15.67
N PRO A 135 -5.35 -18.30 -14.41
CA PRO A 135 -4.36 -17.78 -13.45
C PRO A 135 -3.20 -18.73 -13.15
N SER A 136 -2.11 -18.17 -12.65
CA SER A 136 -0.96 -18.99 -12.29
C SER A 136 -1.40 -19.72 -11.04
N LYS A 137 -1.57 -21.02 -11.16
CA LYS A 137 -2.03 -21.77 -10.00
C LYS A 137 -1.04 -22.77 -9.48
N THR A 138 0.17 -22.76 -10.03
CA THR A 138 1.19 -23.70 -9.60
C THR A 138 2.44 -22.95 -9.15
N THR A 139 3.11 -23.48 -8.15
CA THR A 139 4.33 -22.86 -7.64
C THR A 139 5.52 -23.80 -7.90
N TYR A 140 6.44 -23.37 -8.76
CA TYR A 140 7.64 -24.13 -9.03
C TYR A 140 8.73 -23.50 -8.17
N PRO A 141 9.52 -24.32 -7.47
CA PRO A 141 10.59 -23.79 -6.63
C PRO A 141 11.70 -23.18 -7.50
N HIS A 142 12.40 -22.17 -6.98
CA HIS A 142 13.45 -21.56 -7.77
C HIS A 142 14.39 -22.62 -8.35
N SER A 143 14.73 -23.63 -7.54
CA SER A 143 15.62 -24.70 -7.98
C SER A 143 15.19 -25.24 -9.34
N PHE A 144 13.88 -25.35 -9.53
CA PHE A 144 13.36 -25.85 -10.78
C PHE A 144 13.74 -24.97 -11.94
N PHE A 145 13.66 -23.66 -11.76
CA PHE A 145 13.98 -22.71 -12.81
C PHE A 145 15.42 -22.89 -13.18
N GLU A 146 16.26 -23.01 -12.17
CA GLU A 146 17.67 -23.24 -12.42
C GLU A 146 17.90 -24.50 -13.26
N GLU A 147 17.26 -25.60 -12.85
CA GLU A 147 17.41 -26.85 -13.59
C GLU A 147 16.90 -26.76 -15.02
N GLN A 148 15.82 -26.02 -15.27
CA GLN A 148 15.26 -25.87 -16.62
C GLN A 148 16.10 -24.92 -17.47
N GLY A 149 17.17 -24.41 -16.86
CA GLY A 149 18.08 -23.51 -17.56
C GLY A 149 17.55 -22.12 -17.79
N PHE A 150 16.89 -21.58 -16.78
CA PHE A 150 16.30 -20.25 -16.86
C PHE A 150 17.35 -19.17 -17.13
N TYR A 151 18.55 -19.34 -16.59
CA TYR A 151 19.61 -18.34 -16.76
C TYR A 151 20.71 -18.64 -17.80
N ASN A 152 20.59 -19.75 -18.52
CA ASN A 152 21.59 -20.16 -19.50
C ASN A 152 21.91 -19.22 -20.65
N LEU A 153 20.95 -18.38 -21.03
CA LEU A 153 21.17 -17.45 -22.11
C LEU A 153 21.93 -16.22 -21.61
N LEU A 154 22.45 -16.29 -20.39
CA LEU A 154 23.17 -15.17 -19.80
C LEU A 154 24.69 -15.37 -19.81
N ASP A 155 25.44 -14.29 -19.88
CA ASP A 155 26.90 -14.38 -19.88
C ASP A 155 27.43 -14.50 -18.46
N ASN A 156 26.71 -13.93 -17.51
CA ASN A 156 27.06 -13.97 -16.10
C ASN A 156 25.99 -14.77 -15.36
N LYS A 157 25.88 -16.05 -15.69
CA LYS A 157 24.89 -16.92 -15.08
C LYS A 157 25.02 -17.00 -13.56
N GLU A 158 26.21 -17.32 -13.07
CA GLU A 158 26.44 -17.42 -11.63
C GLU A 158 26.37 -16.06 -10.93
N GLN A 159 26.50 -14.98 -11.69
CA GLN A 159 26.42 -13.64 -11.13
C GLN A 159 24.95 -13.24 -10.99
N ALA A 160 24.15 -13.64 -11.97
CA ALA A 160 22.71 -13.36 -11.98
C ALA A 160 22.04 -14.13 -10.82
N ILE A 161 22.36 -15.42 -10.73
CA ILE A 161 21.79 -16.25 -9.69
C ILE A 161 22.13 -15.80 -8.27
N SER A 162 23.25 -15.10 -8.10
CA SER A 162 23.63 -14.61 -6.79
C SER A 162 23.08 -13.22 -6.47
N ALA A 163 22.82 -12.45 -7.51
CA ALA A 163 22.27 -11.10 -7.37
C ALA A 163 20.81 -11.21 -6.98
N ILE A 164 20.10 -12.11 -7.66
CA ILE A 164 18.70 -12.30 -7.36
C ILE A 164 18.53 -12.78 -5.92
N LYS A 165 19.16 -13.91 -5.56
CA LYS A 165 19.06 -14.49 -4.23
C LYS A 165 19.48 -13.56 -3.11
N ASP A 166 20.65 -12.96 -3.24
CA ASP A 166 21.19 -12.05 -2.24
C ASP A 166 20.52 -10.69 -2.32
N GLY A 167 20.21 -10.25 -3.53
CA GLY A 167 19.55 -8.96 -3.67
C GLY A 167 18.20 -8.90 -2.98
N ILE A 168 17.34 -9.89 -3.21
CA ILE A 168 16.02 -9.95 -2.61
C ILE A 168 16.05 -10.19 -1.11
N ALA A 169 17.10 -10.84 -0.63
CA ALA A 169 17.24 -11.10 0.80
C ALA A 169 17.42 -9.75 1.51
N ILE A 170 18.13 -8.83 0.86
CA ILE A 170 18.42 -7.48 1.37
C ILE A 170 17.28 -6.48 1.16
N GLY A 171 16.37 -6.79 0.26
CA GLY A 171 15.24 -5.90 0.04
C GLY A 171 15.45 -4.84 -1.00
N LYS A 172 15.77 -5.31 -2.20
CA LYS A 172 15.98 -4.39 -3.28
C LYS A 172 14.71 -4.40 -4.13
N ASN A 173 14.46 -3.29 -4.79
CA ASN A 173 13.28 -3.16 -5.65
C ASN A 173 13.49 -3.86 -7.00
N VAL A 174 12.92 -5.06 -7.13
CA VAL A 174 13.04 -5.85 -8.35
C VAL A 174 11.77 -5.81 -9.20
N ILE A 175 11.95 -5.79 -10.51
CA ILE A 175 10.83 -5.76 -11.44
C ILE A 175 11.03 -6.90 -12.43
N VAL A 176 9.97 -7.68 -12.66
CA VAL A 176 10.04 -8.79 -13.62
C VAL A 176 9.16 -8.35 -14.80
N CYS A 177 9.69 -8.36 -16.01
CA CYS A 177 8.92 -7.93 -17.16
C CYS A 177 9.02 -8.89 -18.34
N GLY A 178 8.16 -8.67 -19.33
CA GLY A 178 8.13 -9.52 -20.50
C GLY A 178 6.70 -9.52 -21.00
N GLY A 179 6.45 -10.31 -22.03
CA GLY A 179 5.12 -10.41 -22.63
C GLY A 179 4.18 -11.32 -21.86
N THR A 180 2.91 -11.29 -22.25
CA THR A 180 1.89 -12.10 -21.61
C THR A 180 2.24 -13.59 -21.67
N GLY A 181 1.98 -14.29 -20.57
CA GLY A 181 2.21 -15.71 -20.52
C GLY A 181 3.62 -16.18 -20.55
N SER A 182 4.56 -15.27 -20.30
CA SER A 182 6.00 -15.61 -20.28
C SER A 182 6.51 -16.21 -18.97
N GLY A 183 5.78 -16.03 -17.88
CA GLY A 183 6.22 -16.59 -16.60
C GLY A 183 6.60 -15.58 -15.51
N LYS A 184 6.31 -14.29 -15.70
CA LYS A 184 6.65 -13.26 -14.71
C LYS A 184 6.09 -13.54 -13.32
N THR A 185 4.80 -13.82 -13.26
CA THR A 185 4.13 -14.11 -12.01
C THR A 185 4.68 -15.39 -11.39
N THR A 186 4.91 -16.40 -12.23
CA THR A 186 5.47 -17.68 -11.73
C THR A 186 6.87 -17.53 -11.16
N TYR A 187 7.62 -16.60 -11.75
CA TYR A 187 8.99 -16.33 -11.35
C TYR A 187 9.00 -15.55 -10.04
N ILE A 188 8.29 -14.43 -9.94
CA ILE A 188 8.29 -13.68 -8.67
C ILE A 188 7.86 -14.60 -7.52
N LYS A 189 6.92 -15.51 -7.77
CA LYS A 189 6.50 -16.46 -6.74
C LYS A 189 7.64 -17.36 -6.20
N SER A 190 8.45 -17.89 -7.11
CA SER A 190 9.55 -18.76 -6.72
C SER A 190 10.66 -18.06 -5.93
N ILE A 191 10.88 -16.78 -6.22
CA ILE A 191 11.95 -16.03 -5.56
C ILE A 191 11.58 -15.54 -4.19
N MSE A 192 10.31 -15.64 -3.86
CA MSE A 192 9.84 -15.23 -2.54
C MSE A 192 10.50 -16.09 -1.48
O MSE A 192 10.40 -15.79 -0.29
CB MSE A 192 8.31 -15.34 -2.44
CG MSE A 192 7.53 -14.15 -3.03
SE MSE A 192 5.62 -14.49 -3.22
CE MSE A 192 5.12 -14.33 -1.32
N GLU A 193 11.17 -17.17 -1.91
CA GLU A 193 11.89 -18.08 -1.00
C GLU A 193 12.99 -17.34 -0.26
N PHE A 194 13.63 -16.41 -0.97
CA PHE A 194 14.75 -15.65 -0.42
C PHE A 194 14.39 -14.38 0.36
N ILE A 195 13.10 -14.20 0.62
CA ILE A 195 12.65 -13.08 1.44
C ILE A 195 12.73 -13.72 2.83
N PRO A 196 13.35 -13.03 3.81
CA PRO A 196 13.45 -13.59 5.16
C PRO A 196 12.07 -13.92 5.70
N LYS A 197 11.92 -15.08 6.36
CA LYS A 197 10.61 -15.48 6.88
C LYS A 197 9.95 -14.64 7.97
N GLU A 198 10.72 -13.68 8.48
CA GLU A 198 10.22 -12.81 9.52
C GLU A 198 9.59 -11.52 8.93
N GLU A 199 9.66 -11.36 7.62
CA GLU A 199 9.10 -10.20 6.94
C GLU A 199 7.57 -10.21 6.88
N ARG A 200 6.94 -9.04 7.08
CA ARG A 200 5.49 -8.94 6.99
C ARG A 200 5.30 -8.63 5.52
N ILE A 201 4.48 -9.44 4.85
CA ILE A 201 4.23 -9.27 3.42
C ILE A 201 2.78 -8.90 3.12
N ILE A 202 2.62 -7.95 2.19
CA ILE A 202 1.30 -7.52 1.76
C ILE A 202 1.23 -7.51 0.22
N SER A 203 0.34 -8.35 -0.35
CA SER A 203 0.18 -8.41 -1.80
C SER A 203 -1.06 -7.69 -2.32
N ILE A 204 -0.98 -7.20 -3.55
CA ILE A 204 -2.08 -6.50 -4.21
C ILE A 204 -2.34 -7.26 -5.53
N GLU A 205 -3.44 -8.01 -5.59
CA GLU A 205 -3.75 -8.77 -6.80
C GLU A 205 -5.16 -8.55 -7.34
N ASP A 206 -5.36 -8.98 -8.56
CA ASP A 206 -6.64 -8.85 -9.23
C ASP A 206 -7.32 -10.21 -9.11
N THR A 207 -6.48 -11.25 -9.17
CA THR A 207 -6.90 -12.65 -9.11
C THR A 207 -5.88 -13.37 -8.19
N GLU A 208 -6.37 -14.11 -7.20
CA GLU A 208 -5.49 -14.85 -6.30
C GLU A 208 -4.57 -15.79 -7.09
N GLU A 209 -3.27 -15.56 -7.00
CA GLU A 209 -2.24 -16.36 -7.69
C GLU A 209 -1.07 -16.64 -6.76
N ILE A 210 -0.71 -15.63 -5.97
CA ILE A 210 0.40 -15.72 -5.03
C ILE A 210 0.07 -16.59 -3.81
N VAL A 211 0.97 -17.51 -3.49
CA VAL A 211 0.81 -18.40 -2.35
C VAL A 211 1.92 -18.04 -1.35
N PHE A 212 1.71 -18.30 -0.06
CA PHE A 212 2.71 -18.00 0.96
C PHE A 212 3.11 -19.30 1.66
N LYS A 213 4.24 -19.84 1.26
CA LYS A 213 4.72 -21.10 1.83
C LYS A 213 5.92 -20.89 2.76
N HIS A 214 6.44 -19.67 2.83
CA HIS A 214 7.60 -19.43 3.69
C HIS A 214 7.33 -18.27 4.66
N HIS A 215 6.08 -17.80 4.68
CA HIS A 215 5.72 -16.67 5.53
C HIS A 215 4.38 -16.86 6.23
N LYS A 216 4.34 -16.48 7.50
CA LYS A 216 3.16 -16.60 8.33
C LYS A 216 2.51 -15.24 8.61
N ASN A 217 3.25 -14.17 8.48
CA ASN A 217 2.71 -12.85 8.76
C ASN A 217 2.47 -12.12 7.45
N TYR A 218 1.23 -12.21 6.93
CA TYR A 218 0.89 -11.53 5.67
C TYR A 218 -0.60 -11.22 5.57
N THR A 219 -0.97 -10.44 4.56
CA THR A 219 -2.36 -10.09 4.28
C THR A 219 -2.45 -9.90 2.77
N GLN A 220 -3.48 -10.49 2.17
CA GLN A 220 -3.71 -10.37 0.73
C GLN A 220 -4.74 -9.30 0.50
N LEU A 221 -4.52 -8.49 -0.52
CA LEU A 221 -5.44 -7.40 -0.88
C LEU A 221 -5.84 -7.62 -2.32
N PHE A 222 -7.14 -7.48 -2.62
CA PHE A 222 -7.65 -7.70 -3.97
C PHE A 222 -8.50 -6.54 -4.48
N PHE A 223 -8.39 -6.21 -5.76
CA PHE A 223 -9.16 -5.09 -6.32
C PHE A 223 -10.16 -5.54 -7.38
N GLY A 224 -11.10 -4.67 -7.71
CA GLY A 224 -12.09 -5.03 -8.71
C GLY A 224 -13.35 -4.21 -8.51
N GLY A 225 -14.11 -4.04 -9.58
CA GLY A 225 -15.33 -3.23 -9.52
C GLY A 225 -15.02 -1.80 -9.16
N ASN A 226 -15.59 -1.32 -8.05
CA ASN A 226 -15.37 0.05 -7.59
C ASN A 226 -14.07 0.28 -6.80
N ILE A 227 -13.39 -0.79 -6.37
CA ILE A 227 -12.12 -0.69 -5.62
C ILE A 227 -10.97 -0.84 -6.59
N THR A 228 -10.24 0.26 -6.79
CA THR A 228 -9.14 0.27 -7.73
C THR A 228 -7.87 -0.25 -7.13
N SER A 229 -6.87 -0.41 -7.99
CA SER A 229 -5.57 -0.91 -7.57
C SER A 229 -4.91 0.13 -6.67
N ALA A 230 -5.16 1.38 -6.99
CA ALA A 230 -4.59 2.48 -6.24
C ALA A 230 -5.12 2.48 -4.81
N ASP A 231 -6.40 2.13 -4.67
CA ASP A 231 -7.05 2.09 -3.36
C ASP A 231 -6.33 1.12 -2.45
N CYS A 232 -6.09 -0.10 -2.94
CA CYS A 232 -5.36 -1.14 -2.20
C CYS A 232 -3.95 -0.72 -1.80
N LEU A 233 -3.20 -0.18 -2.76
CA LEU A 233 -1.84 0.26 -2.51
C LEU A 233 -1.84 1.31 -1.38
N LYS A 234 -2.77 2.26 -1.47
CA LYS A 234 -2.94 3.32 -0.48
C LYS A 234 -3.29 2.76 0.91
N SER A 235 -4.12 1.71 0.92
CA SER A 235 -4.51 1.06 2.16
C SER A 235 -3.30 0.30 2.66
N CYS A 236 -2.59 -0.33 1.74
CA CYS A 236 -1.42 -1.10 2.07
C CYS A 236 -0.37 -0.29 2.86
N LEU A 237 -0.25 0.98 2.55
CA LEU A 237 0.73 1.80 3.23
C LEU A 237 0.37 2.17 4.66
N ARG A 238 -0.87 1.83 5.04
CA ARG A 238 -1.41 2.08 6.37
C ARG A 238 -1.46 0.76 7.17
N MSE A 239 -0.89 -0.30 6.60
CA MSE A 239 -0.88 -1.62 7.23
C MSE A 239 0.51 -2.17 7.56
O MSE A 239 0.72 -3.39 7.61
CB MSE A 239 -1.62 -2.59 6.32
CG MSE A 239 -3.04 -2.17 6.02
SE MSE A 239 -3.72 -3.06 4.42
CE MSE A 239 -4.11 -4.78 5.24
N ARG A 240 1.47 -1.24 7.75
CA ARG A 240 2.88 -1.51 8.11
C ARG A 240 3.57 -2.75 7.47
N PRO A 241 3.72 -2.77 6.13
CA PRO A 241 4.36 -3.94 5.49
C PRO A 241 5.89 -3.92 5.49
N ASP A 242 6.50 -5.09 5.39
CA ASP A 242 7.93 -5.14 5.30
C ASP A 242 8.23 -5.21 3.79
N ARG A 243 7.46 -6.02 3.08
CA ARG A 243 7.60 -6.13 1.65
C ARG A 243 6.24 -5.92 1.02
N ILE A 244 6.24 -5.40 -0.20
CA ILE A 244 5.01 -5.20 -0.90
C ILE A 244 5.10 -5.91 -2.24
N ILE A 245 4.22 -6.88 -2.48
CA ILE A 245 4.20 -7.56 -3.76
C ILE A 245 2.99 -7.11 -4.58
N LEU A 246 3.24 -6.27 -5.58
CA LEU A 246 2.22 -5.74 -6.47
C LEU A 246 2.06 -6.67 -7.67
N GLY A 247 0.98 -7.42 -7.67
CA GLY A 247 0.68 -8.34 -8.74
C GLY A 247 1.16 -7.93 -10.11
N GLU A 248 0.77 -6.74 -10.58
CA GLU A 248 1.18 -6.23 -11.91
C GLU A 248 0.80 -4.76 -12.13
N LEU A 249 1.75 -3.97 -12.65
CA LEU A 249 1.52 -2.56 -12.92
C LEU A 249 0.73 -2.35 -14.20
N ARG A 250 -0.14 -1.35 -14.19
CA ARG A 250 -0.90 -1.09 -15.40
C ARG A 250 -1.06 0.36 -15.84
N SER A 251 -1.65 1.21 -14.99
CA SER A 251 -1.93 2.58 -15.38
C SER A 251 -1.61 3.57 -14.29
N SER A 252 -2.66 4.21 -13.77
CA SER A 252 -2.52 5.20 -12.73
C SER A 252 -1.79 4.68 -11.49
N GLU A 253 -1.81 3.36 -11.27
CA GLU A 253 -1.12 2.81 -10.12
C GLU A 253 0.36 3.09 -10.26
N ALA A 254 0.79 3.27 -11.51
CA ALA A 254 2.17 3.52 -11.82
C ALA A 254 2.69 4.65 -10.95
N TYR A 255 2.05 5.81 -11.02
CA TYR A 255 2.48 6.96 -10.24
C TYR A 255 2.49 6.74 -8.73
N ASP A 256 1.45 6.09 -8.20
CA ASP A 256 1.38 5.84 -6.78
C ASP A 256 2.54 4.94 -6.42
N PHE A 257 2.87 4.04 -7.32
CA PHE A 257 3.98 3.13 -7.13
C PHE A 257 5.28 3.96 -6.99
N TYR A 258 5.43 4.97 -7.86
CA TYR A 258 6.60 5.86 -7.87
C TYR A 258 6.88 6.44 -6.51
N ASN A 259 5.88 7.09 -5.93
CA ASN A 259 6.04 7.68 -4.62
C ASN A 259 6.42 6.65 -3.57
N VAL A 260 5.98 5.41 -3.71
CA VAL A 260 6.30 4.40 -2.72
C VAL A 260 7.78 4.08 -2.74
N LEU A 261 8.41 4.24 -3.89
CA LEU A 261 9.84 3.98 -3.99
C LEU A 261 10.58 5.23 -3.51
N CYS A 262 10.03 6.41 -3.80
CA CYS A 262 10.60 7.71 -3.40
C CYS A 262 10.62 8.02 -1.89
N SER A 263 9.79 7.34 -1.10
CA SER A 263 9.78 7.58 0.34
C SER A 263 10.81 6.59 0.90
N GLY A 264 11.65 6.10 -0.01
CA GLY A 264 12.71 5.20 0.35
C GLY A 264 12.27 3.89 0.99
N HIS A 265 11.10 3.36 0.60
CA HIS A 265 10.52 2.12 1.14
C HIS A 265 11.19 0.74 0.81
N LYS A 266 11.10 -0.19 1.77
CA LYS A 266 11.71 -1.50 1.58
C LYS A 266 11.23 -2.43 0.44
N GLY A 267 12.16 -3.24 -0.05
CA GLY A 267 11.87 -4.21 -1.12
C GLY A 267 10.48 -4.43 -1.72
N THR A 268 10.30 -3.95 -2.94
CA THR A 268 9.05 -4.11 -3.69
C THR A 268 9.25 -5.04 -4.91
N LEU A 269 8.30 -5.94 -5.12
CA LEU A 269 8.33 -6.90 -6.21
C LEU A 269 7.16 -6.54 -7.11
N THR A 270 7.36 -6.51 -8.41
CA THR A 270 6.23 -6.21 -9.26
C THR A 270 6.47 -6.73 -10.67
N THR A 271 5.39 -7.03 -11.38
CA THR A 271 5.50 -7.48 -12.75
C THR A 271 5.00 -6.40 -13.71
N LEU A 272 5.43 -6.43 -14.97
CA LEU A 272 5.04 -5.45 -15.93
C LEU A 272 5.23 -5.86 -17.37
N HIS A 273 4.37 -5.41 -18.27
CA HIS A 273 4.53 -5.77 -19.65
C HIS A 273 5.53 -4.83 -20.30
N ALA A 274 6.70 -5.34 -20.67
CA ALA A 274 7.71 -4.50 -21.32
C ALA A 274 8.68 -5.37 -22.13
N GLY A 275 9.13 -4.85 -23.27
CA GLY A 275 10.04 -5.58 -24.13
C GLY A 275 11.49 -5.73 -23.65
N SER A 276 11.94 -4.80 -22.80
CA SER A 276 13.32 -4.80 -22.29
C SER A 276 13.53 -3.82 -21.14
N SER A 277 14.70 -3.90 -20.51
CA SER A 277 15.01 -2.98 -19.42
C SER A 277 14.61 -1.55 -19.73
N GLU A 278 15.26 -0.97 -20.74
CA GLU A 278 15.01 0.41 -21.14
C GLU A 278 13.59 0.71 -21.58
N GLU A 279 12.91 -0.25 -22.19
CA GLU A 279 11.52 -0.02 -22.58
C GLU A 279 10.67 0.07 -21.31
N ALA A 280 11.15 -0.56 -20.24
CA ALA A 280 10.49 -0.57 -18.94
C ALA A 280 10.58 0.81 -18.31
N PHE A 281 11.80 1.30 -18.14
CA PHE A 281 12.01 2.63 -17.57
C PHE A 281 11.19 3.67 -18.31
N ILE A 282 11.01 3.46 -19.61
CA ILE A 282 10.25 4.37 -20.47
C ILE A 282 8.75 4.13 -20.30
N ARG A 283 8.37 2.87 -20.11
CA ARG A 283 6.97 2.51 -19.91
C ARG A 283 6.46 2.96 -18.52
N LEU A 284 7.36 2.96 -17.53
CA LEU A 284 7.04 3.38 -16.16
C LEU A 284 6.73 4.88 -16.12
N ALA A 285 7.43 5.63 -16.96
CA ALA A 285 7.25 7.08 -17.06
C ALA A 285 5.91 7.37 -17.76
N ASN A 286 5.64 6.60 -18.82
CA ASN A 286 4.40 6.78 -19.55
C ASN A 286 3.19 6.62 -18.65
N MSE A 287 2.96 5.38 -18.19
CA MSE A 287 1.84 5.05 -17.31
C MSE A 287 1.71 6.03 -16.14
O MSE A 287 0.60 6.34 -15.70
CB MSE A 287 2.00 3.64 -16.73
CG MSE A 287 2.34 2.60 -17.76
SE MSE A 287 2.57 0.88 -16.91
CE MSE A 287 4.28 1.18 -16.05
N SER A 288 2.86 6.50 -15.66
CA SER A 288 2.94 7.44 -14.54
C SER A 288 2.35 8.82 -14.88
N SER A 289 2.40 9.21 -16.16
CA SER A 289 1.87 10.51 -16.60
C SER A 289 0.35 10.49 -16.77
N SER A 290 -0.23 9.30 -16.89
CA SER A 290 -1.68 9.17 -17.04
C SER A 290 -2.42 9.51 -15.75
N ASN A 291 -1.67 9.65 -14.65
CA ASN A 291 -2.24 9.97 -13.33
C ASN A 291 -2.06 11.44 -13.00
N SER A 292 -3.20 12.10 -12.75
CA SER A 292 -3.30 13.52 -12.44
C SER A 292 -2.13 14.17 -11.71
N ALA A 293 -1.87 13.74 -10.49
CA ALA A 293 -0.79 14.31 -9.68
C ALA A 293 0.61 14.17 -10.29
N ALA A 294 0.68 14.12 -11.62
CA ALA A 294 1.96 14.00 -12.30
C ALA A 294 2.10 15.09 -13.35
N ARG A 295 0.99 15.78 -13.61
CA ARG A 295 0.94 16.85 -14.60
C ARG A 295 2.15 17.77 -14.55
N ASN A 296 2.46 18.31 -13.37
CA ASN A 296 3.59 19.22 -13.19
C ASN A 296 4.97 18.54 -13.10
N ILE A 297 5.05 17.26 -13.47
CA ILE A 297 6.33 16.55 -13.44
C ILE A 297 6.81 16.22 -14.86
N LYS A 298 8.10 16.49 -15.09
CA LYS A 298 8.75 16.27 -16.39
C LYS A 298 8.97 14.80 -16.69
N PHE A 299 8.78 14.42 -17.95
CA PHE A 299 8.96 13.04 -18.40
C PHE A 299 10.37 12.59 -18.04
N GLU A 300 11.36 13.44 -18.32
CA GLU A 300 12.74 13.10 -18.01
C GLU A 300 12.91 13.01 -16.50
N SER A 301 12.09 13.74 -15.77
CA SER A 301 12.15 13.74 -14.30
C SER A 301 11.66 12.39 -13.74
N LEU A 302 10.67 11.82 -14.41
CA LEU A 302 10.09 10.53 -14.03
C LEU A 302 11.00 9.37 -14.41
N ILE A 303 11.55 9.39 -15.63
CA ILE A 303 12.42 8.31 -16.10
C ILE A 303 13.68 8.25 -15.29
N GLU A 304 14.19 9.42 -14.91
CA GLU A 304 15.39 9.47 -14.12
C GLU A 304 15.12 9.03 -12.68
N GLY A 305 13.87 9.15 -12.26
CA GLY A 305 13.53 8.71 -10.91
C GLY A 305 13.59 7.18 -10.81
N PHE A 306 12.80 6.50 -11.64
CA PHE A 306 12.74 5.06 -11.61
C PHE A 306 14.11 4.47 -11.73
N LYS A 307 14.89 4.95 -12.70
CA LYS A 307 16.28 4.51 -12.92
C LYS A 307 17.17 4.63 -11.67
N ASP A 308 16.77 5.46 -10.72
CA ASP A 308 17.56 5.66 -9.50
C ASP A 308 16.98 4.80 -8.35
N LEU A 309 15.70 4.47 -8.45
CA LEU A 309 15.05 3.66 -7.43
C LEU A 309 14.95 2.16 -7.74
N ILE A 310 14.96 1.78 -9.02
CA ILE A 310 14.89 0.35 -9.35
C ILE A 310 16.27 -0.30 -9.29
N ASP A 311 16.42 -1.25 -8.38
CA ASP A 311 17.68 -1.96 -8.16
C ASP A 311 18.05 -3.08 -9.18
N MSE A 312 17.06 -3.69 -9.83
CA MSE A 312 17.33 -4.70 -10.84
C MSE A 312 16.10 -5.12 -11.61
O MSE A 312 15.03 -5.20 -11.04
CB MSE A 312 18.07 -5.95 -10.27
CG MSE A 312 17.50 -6.69 -9.05
SE MSE A 312 18.75 -8.14 -8.47
CE MSE A 312 19.69 -7.16 -7.11
N ILE A 313 16.25 -5.32 -12.91
CA ILE A 313 15.15 -5.70 -13.78
C ILE A 313 15.53 -7.02 -14.40
N VAL A 314 14.53 -7.89 -14.53
CA VAL A 314 14.64 -9.24 -15.10
C VAL A 314 13.64 -9.34 -16.28
N HIS A 315 14.15 -9.55 -17.49
CA HIS A 315 13.27 -9.65 -18.64
C HIS A 315 13.21 -11.09 -19.12
N ILE A 316 12.03 -11.51 -19.58
CA ILE A 316 11.81 -12.88 -20.07
C ILE A 316 11.23 -12.93 -21.52
N ASN A 317 11.83 -13.76 -22.35
CA ASN A 317 11.41 -13.89 -23.73
C ASN A 317 10.25 -14.85 -23.86
N HIS A 318 9.83 -15.12 -25.10
CA HIS A 318 8.70 -16.00 -25.37
C HIS A 318 8.96 -17.48 -25.17
N HIS A 319 10.19 -17.83 -24.83
CA HIS A 319 10.55 -19.22 -24.56
C HIS A 319 10.75 -19.47 -23.08
N LYS A 320 10.30 -18.52 -22.25
CA LYS A 320 10.40 -18.58 -20.79
C LYS A 320 11.83 -18.65 -20.27
N GLN A 321 12.69 -17.78 -20.79
CA GLN A 321 14.08 -17.71 -20.37
C GLN A 321 14.55 -16.28 -20.22
N CYS A 322 15.39 -16.03 -19.23
CA CYS A 322 15.90 -14.69 -19.00
C CYS A 322 16.95 -14.36 -20.07
N ASP A 323 16.75 -13.25 -20.76
CA ASP A 323 17.68 -12.84 -21.79
C ASP A 323 18.25 -11.44 -21.51
N GLU A 324 18.06 -10.96 -20.29
CA GLU A 324 18.56 -9.67 -19.86
C GLU A 324 18.34 -9.51 -18.36
N PHE A 325 19.43 -9.34 -17.62
CA PHE A 325 19.41 -9.18 -16.17
C PHE A 325 20.07 -7.85 -15.77
N TYR A 326 19.34 -6.74 -15.91
CA TYR A 326 19.84 -5.40 -15.56
C TYR A 326 20.06 -5.25 -14.06
N ILE A 327 21.18 -4.65 -13.66
CA ILE A 327 21.50 -4.40 -12.25
C ILE A 327 22.08 -2.99 -12.12
N LYS A 328 21.73 -2.29 -11.05
CA LYS A 328 22.24 -0.93 -10.84
C LYS A 328 23.33 -0.97 -9.77
N LEU B 6 -15.99 28.85 38.98
CA LEU B 6 -16.18 28.78 37.49
C LEU B 6 -16.28 27.34 36.96
N SER B 7 -15.77 26.37 37.72
CA SER B 7 -15.82 24.98 37.28
C SER B 7 -17.27 24.47 37.24
N ALA B 8 -18.13 24.97 38.12
CA ALA B 8 -19.52 24.55 38.10
C ALA B 8 -20.18 25.01 36.80
N GLU B 9 -19.92 26.27 36.45
CA GLU B 9 -20.45 26.87 35.23
C GLU B 9 -19.79 26.26 33.99
N ASP B 10 -18.52 25.86 34.11
CA ASP B 10 -17.82 25.26 32.97
C ASP B 10 -18.46 23.89 32.68
N LYS B 11 -18.76 23.17 33.76
CA LYS B 11 -19.38 21.85 33.66
C LYS B 11 -20.74 21.89 32.96
N LYS B 12 -21.57 22.87 33.31
CA LYS B 12 -22.88 22.99 32.68
C LYS B 12 -22.71 23.46 31.23
N PHE B 13 -21.59 24.11 30.94
CA PHE B 13 -21.35 24.60 29.61
C PHE B 13 -20.96 23.46 28.70
N LEU B 14 -20.28 22.48 29.29
CA LEU B 14 -19.80 21.33 28.53
C LEU B 14 -20.73 20.13 28.56
N GLU B 15 -21.78 20.21 29.37
CA GLU B 15 -22.74 19.11 29.54
C GLU B 15 -23.26 18.44 28.27
N VAL B 16 -23.74 19.23 27.32
CA VAL B 16 -24.29 18.68 26.07
C VAL B 16 -23.28 18.07 25.10
N GLU B 17 -22.12 18.69 25.00
CA GLU B 17 -21.10 18.18 24.11
C GLU B 17 -20.48 16.90 24.71
N ARG B 18 -20.18 16.90 26.00
CA ARG B 18 -19.62 15.72 26.63
C ARG B 18 -20.52 14.51 26.55
N ALA B 19 -21.83 14.74 26.75
CA ALA B 19 -22.88 13.71 26.70
C ALA B 19 -22.92 13.09 25.30
N LEU B 20 -22.80 13.94 24.28
CA LEU B 20 -22.82 13.49 22.89
C LEU B 20 -21.58 12.71 22.52
N LYS B 21 -20.45 13.05 23.11
CA LYS B 21 -19.22 12.32 22.81
C LYS B 21 -19.23 10.98 23.53
N GLU B 22 -19.58 11.00 24.82
CA GLU B 22 -19.61 9.75 25.57
C GLU B 22 -20.62 8.73 25.02
N ALA B 23 -21.70 9.21 24.42
CA ALA B 23 -22.69 8.32 23.83
C ALA B 23 -22.12 7.60 22.61
N ALA B 24 -21.26 8.32 21.89
CA ALA B 24 -20.65 7.84 20.66
C ALA B 24 -19.31 7.14 20.86
N LEU B 25 -18.67 7.44 21.97
CA LEU B 25 -17.37 6.89 22.23
C LEU B 25 -17.36 5.68 23.17
N ASN B 26 -18.36 5.55 24.04
CA ASN B 26 -18.33 4.39 24.92
C ASN B 26 -18.57 3.04 24.25
N PRO B 27 -19.39 2.98 23.20
CA PRO B 27 -19.53 1.63 22.63
C PRO B 27 -18.12 1.23 22.11
N LEU B 28 -17.40 2.24 21.62
CA LEU B 28 -16.04 2.04 21.08
C LEU B 28 -15.00 1.65 22.14
N ARG B 29 -15.00 2.34 23.29
CA ARG B 29 -14.08 2.02 24.40
C ARG B 29 -14.23 0.57 24.88
N HIS B 30 -15.46 0.07 24.94
CA HIS B 30 -15.70 -1.29 25.39
C HIS B 30 -15.21 -2.29 24.39
N ALA B 31 -15.63 -2.17 23.13
CA ALA B 31 -15.18 -3.08 22.07
C ALA B 31 -13.65 -3.06 21.93
N THR B 32 -13.05 -1.88 22.01
CA THR B 32 -11.60 -1.79 21.92
C THR B 32 -10.90 -2.52 23.06
N GLU B 33 -11.46 -2.39 24.26
CA GLU B 33 -10.88 -3.03 25.45
C GLU B 33 -11.03 -4.51 25.26
N GLU B 34 -12.26 -4.90 24.91
CA GLU B 34 -12.62 -6.29 24.71
C GLU B 34 -11.67 -7.07 23.80
N LEU B 35 -11.30 -6.50 22.66
CA LEU B 35 -10.39 -7.18 21.75
C LEU B 35 -8.92 -6.93 21.97
N PHE B 36 -8.51 -5.67 22.05
CA PHE B 36 -7.10 -5.34 22.18
C PHE B 36 -6.57 -4.80 23.49
N GLY B 37 -7.32 -4.92 24.58
CA GLY B 37 -6.82 -4.40 25.84
C GLY B 37 -5.46 -4.95 26.25
N ASP B 38 -5.27 -6.26 26.13
CA ASP B 38 -4.01 -6.90 26.50
C ASP B 38 -2.86 -6.40 25.67
N PHE B 39 -3.13 -6.17 24.39
CA PHE B 39 -2.07 -5.72 23.49
C PHE B 39 -1.74 -4.25 23.57
N LEU B 40 -2.72 -3.39 23.83
CA LEU B 40 -2.41 -1.97 23.94
C LEU B 40 -1.64 -1.65 25.23
N LYS B 41 -1.56 -2.61 26.15
CA LYS B 41 -0.86 -2.44 27.44
C LYS B 41 0.62 -2.80 27.32
N MSE B 42 0.97 -3.51 26.25
CA MSE B 42 2.34 -3.94 26.02
C MSE B 42 3.31 -2.79 25.88
O MSE B 42 2.96 -1.72 25.38
CB MSE B 42 2.43 -4.89 24.83
CG MSE B 42 1.78 -6.23 25.12
SE MSE B 42 1.96 -7.57 23.78
CE MSE B 42 1.63 -6.45 22.28
N GLU B 43 4.53 -3.02 26.35
CA GLU B 43 5.59 -2.04 26.33
C GLU B 43 6.49 -2.11 25.12
N ASN B 44 6.88 -0.92 24.66
CA ASN B 44 7.75 -0.76 23.51
C ASN B 44 7.20 -1.39 22.23
N ILE B 45 5.93 -1.18 21.92
CA ILE B 45 5.39 -1.73 20.69
C ILE B 45 5.20 -0.54 19.78
N THR B 46 4.95 -0.82 18.50
CA THR B 46 4.81 0.22 17.50
C THR B 46 3.61 -0.07 16.57
N GLU B 47 3.11 -1.29 16.58
CA GLU B 47 1.97 -1.62 15.73
C GLU B 47 1.29 -2.88 16.23
N ILE B 48 -0.01 -3.00 15.97
CA ILE B 48 -0.76 -4.21 16.33
C ILE B 48 -1.55 -4.59 15.10
N CYS B 49 -1.38 -5.82 14.65
CA CYS B 49 -2.08 -6.29 13.45
C CYS B 49 -2.78 -7.59 13.66
N TYR B 50 -4.01 -7.69 13.18
CA TYR B 50 -4.76 -8.93 13.19
C TYR B 50 -4.94 -9.18 11.69
N ASN B 51 -4.54 -10.37 11.23
CA ASN B 51 -4.59 -10.72 9.80
C ASN B 51 -5.79 -11.59 9.43
N GLY B 52 -6.81 -11.58 10.29
CA GLY B 52 -8.02 -12.35 10.03
C GLY B 52 -7.86 -13.84 10.14
N ASN B 53 -6.81 -14.30 10.79
CA ASN B 53 -6.63 -15.73 10.86
C ASN B 53 -6.35 -16.25 12.26
N LYS B 54 -7.05 -15.69 13.24
CA LYS B 54 -6.95 -16.11 14.63
C LYS B 54 -5.59 -15.89 15.29
N VAL B 55 -4.83 -14.94 14.79
CA VAL B 55 -3.53 -14.66 15.38
C VAL B 55 -3.34 -13.16 15.37
N VAL B 56 -2.86 -12.61 16.47
CA VAL B 56 -2.58 -11.19 16.53
C VAL B 56 -1.05 -10.95 16.51
N TRP B 57 -0.59 -10.16 15.54
CA TRP B 57 0.84 -9.86 15.41
C TRP B 57 1.17 -8.50 16.00
N VAL B 58 2.19 -8.47 16.83
CA VAL B 58 2.63 -7.23 17.45
C VAL B 58 4.06 -6.90 17.01
N LEU B 59 4.30 -5.63 16.67
CA LEU B 59 5.62 -5.19 16.23
C LEU B 59 6.35 -4.42 17.33
N LYS B 60 7.46 -4.98 17.81
CA LYS B 60 8.24 -4.37 18.87
C LYS B 60 9.25 -3.36 18.36
N ASN B 61 9.66 -2.44 19.23
CA ASN B 61 10.63 -1.41 18.87
C ASN B 61 11.97 -1.98 18.36
N ASN B 62 12.24 -3.25 18.67
CA ASN B 62 13.45 -3.89 18.20
C ASN B 62 13.25 -4.51 16.80
N GLY B 63 12.18 -4.12 16.09
CA GLY B 63 11.92 -4.62 14.75
C GLY B 63 11.44 -6.05 14.58
N GLU B 64 11.12 -6.70 15.68
CA GLU B 64 10.66 -8.07 15.63
C GLU B 64 9.14 -8.14 15.75
N TRP B 65 8.54 -9.09 15.03
CA TRP B 65 7.09 -9.32 15.08
C TRP B 65 6.85 -10.49 16.03
N GLN B 66 5.89 -10.36 16.95
CA GLN B 66 5.57 -11.44 17.88
C GLN B 66 4.10 -11.89 17.71
N PRO B 67 3.87 -13.16 17.32
CA PRO B 67 2.48 -13.66 17.14
C PRO B 67 1.87 -14.11 18.44
N PHE B 68 0.57 -13.84 18.59
CA PHE B 68 -0.23 -14.24 19.76
C PHE B 68 -1.50 -14.94 19.31
N ASP B 69 -1.67 -16.17 19.78
CA ASP B 69 -2.82 -17.00 19.45
C ASP B 69 -4.10 -16.55 20.18
N VAL B 70 -5.16 -16.30 19.43
CA VAL B 70 -6.44 -15.85 19.99
C VAL B 70 -7.58 -16.74 19.49
N ARG B 71 -7.28 -18.02 19.29
CA ARG B 71 -8.24 -18.97 18.77
C ARG B 71 -9.40 -19.27 19.75
N ASP B 72 -9.12 -19.21 21.04
CA ASP B 72 -10.16 -19.47 22.02
C ASP B 72 -10.66 -18.19 22.67
N ARG B 73 -10.90 -17.15 21.86
CA ARG B 73 -11.40 -15.86 22.35
C ARG B 73 -12.63 -15.49 21.53
N LYS B 74 -13.71 -15.14 22.23
CA LYS B 74 -14.95 -14.75 21.56
C LYS B 74 -14.83 -13.36 20.92
N ALA B 75 -13.90 -12.55 21.42
CA ALA B 75 -13.68 -11.21 20.91
C ALA B 75 -13.28 -11.25 19.45
N PHE B 76 -12.60 -12.32 19.05
CA PHE B 76 -12.19 -12.45 17.65
C PHE B 76 -13.15 -13.30 16.81
N SER B 77 -14.39 -13.29 17.24
CA SER B 77 -15.47 -14.01 16.56
C SER B 77 -15.87 -13.02 15.45
N LEU B 78 -16.32 -13.48 14.30
CA LEU B 78 -16.71 -12.54 13.25
C LEU B 78 -17.73 -11.45 13.67
N SER B 79 -18.76 -11.80 14.44
CA SER B 79 -19.75 -10.81 14.86
C SER B 79 -19.16 -9.75 15.78
N ARG B 80 -18.30 -10.17 16.70
CA ARG B 80 -17.64 -9.25 17.63
C ARG B 80 -16.66 -8.31 16.91
N LEU B 81 -15.92 -8.82 15.92
CA LEU B 81 -14.96 -8.02 15.12
C LEU B 81 -15.74 -7.00 14.33
N MSE B 82 -16.83 -7.46 13.73
CA MSE B 82 -17.68 -6.59 12.93
C MSE B 82 -18.33 -5.49 13.79
O MSE B 82 -18.42 -4.35 13.36
CB MSE B 82 -18.71 -7.44 12.19
CG MSE B 82 -19.36 -6.77 10.99
SE MSE B 82 -18.18 -6.04 9.61
CE MSE B 82 -17.88 -7.70 8.62
N HIS B 83 -18.77 -5.81 15.00
CA HIS B 83 -19.32 -4.81 15.91
C HIS B 83 -18.23 -3.74 16.13
N PHE B 84 -17.00 -4.18 16.41
CA PHE B 84 -15.86 -3.28 16.63
C PHE B 84 -15.58 -2.39 15.40
N ALA B 85 -15.68 -2.94 14.20
CA ALA B 85 -15.46 -2.18 12.97
C ALA B 85 -16.52 -1.07 12.84
N ARG B 86 -17.80 -1.45 12.99
CA ARG B 86 -18.90 -0.48 12.94
C ARG B 86 -18.69 0.62 13.97
N CYS B 87 -18.27 0.24 15.18
CA CYS B 87 -18.05 1.24 16.21
C CYS B 87 -16.93 2.18 15.79
N CYS B 88 -15.99 1.65 15.02
CA CYS B 88 -14.88 2.45 14.54
C CYS B 88 -15.34 3.44 13.48
N ALA B 89 -16.15 2.95 12.55
CA ALA B 89 -16.68 3.77 11.47
C ALA B 89 -17.60 4.87 12.01
N SER B 90 -18.64 4.47 12.74
CA SER B 90 -19.56 5.43 13.31
C SER B 90 -18.87 6.53 14.12
N PHE B 91 -17.82 6.21 14.88
CA PHE B 91 -17.13 7.23 15.70
C PHE B 91 -16.59 8.40 14.87
N LYS B 92 -16.26 8.11 13.62
CA LYS B 92 -15.72 9.11 12.70
C LYS B 92 -16.73 9.42 11.60
N LYS B 93 -18.01 9.22 11.95
CA LYS B 93 -19.15 9.47 11.06
C LYS B 93 -18.94 8.85 9.69
N LYS B 94 -18.57 7.57 9.68
CA LYS B 94 -18.37 6.82 8.45
C LYS B 94 -19.15 5.51 8.51
N THR B 95 -19.02 4.73 7.45
CA THR B 95 -19.72 3.47 7.33
C THR B 95 -18.74 2.45 6.77
N ILE B 96 -18.87 1.20 7.20
CA ILE B 96 -18.04 0.10 6.72
C ILE B 96 -18.99 -1.07 6.36
N ASP B 97 -18.83 -1.62 5.16
CA ASP B 97 -19.67 -2.70 4.67
C ASP B 97 -18.95 -3.53 3.60
N ASN B 98 -19.57 -4.61 3.16
CA ASN B 98 -18.98 -5.50 2.15
C ASN B 98 -19.31 -5.13 0.71
N TYR B 99 -19.64 -3.86 0.49
CA TYR B 99 -20.00 -3.39 -0.84
C TYR B 99 -19.19 -2.15 -1.23
N GLU B 100 -19.71 -0.97 -0.95
CA GLU B 100 -19.02 0.24 -1.32
C GLU B 100 -18.05 0.78 -0.28
N ASN B 101 -17.94 0.16 0.88
CA ASN B 101 -17.03 0.68 1.91
C ASN B 101 -16.31 -0.44 2.66
N PRO B 102 -15.55 -1.28 1.95
CA PRO B 102 -14.80 -2.39 2.55
C PRO B 102 -13.46 -2.01 3.18
N ILE B 103 -13.01 -0.79 2.88
CA ILE B 103 -11.76 -0.23 3.39
C ILE B 103 -12.12 0.97 4.24
N LEU B 104 -11.59 0.99 5.47
CA LEU B 104 -11.85 2.07 6.42
C LEU B 104 -10.58 2.65 7.11
N SER B 105 -10.50 3.98 7.22
CA SER B 105 -9.38 4.64 7.94
C SER B 105 -10.05 5.41 9.10
N SER B 106 -9.63 5.12 10.33
CA SER B 106 -10.23 5.77 11.49
C SER B 106 -9.25 5.85 12.68
N ASN B 107 -9.79 6.01 13.90
CA ASN B 107 -8.96 6.13 15.11
C ASN B 107 -9.66 5.49 16.31
N LEU B 108 -8.87 5.12 17.30
CA LEU B 108 -9.39 4.53 18.52
C LEU B 108 -9.79 5.71 19.37
N ALA B 109 -10.30 5.42 20.58
CA ALA B 109 -10.77 6.44 21.52
C ALA B 109 -9.70 7.46 21.85
N ASN B 110 -8.46 7.01 22.04
CA ASN B 110 -7.34 7.89 22.37
C ASN B 110 -6.50 8.42 21.21
N GLY B 111 -6.95 8.24 19.96
CA GLY B 111 -6.17 8.77 18.86
C GLY B 111 -5.45 7.81 17.93
N GLU B 112 -4.96 6.68 18.42
CA GLU B 112 -4.25 5.75 17.53
C GLU B 112 -5.00 5.53 16.22
N ARG B 113 -4.29 5.61 15.09
CA ARG B 113 -4.91 5.40 13.78
C ARG B 113 -5.24 3.92 13.61
N VAL B 114 -6.27 3.59 12.83
CA VAL B 114 -6.69 2.20 12.63
C VAL B 114 -7.11 2.00 11.18
N GLN B 115 -6.73 0.87 10.59
CA GLN B 115 -7.08 0.56 9.21
C GLN B 115 -7.79 -0.80 9.22
N ILE B 116 -9.00 -0.84 8.65
CA ILE B 116 -9.80 -2.06 8.58
C ILE B 116 -10.22 -2.40 7.16
N VAL B 117 -10.02 -3.66 6.77
CA VAL B 117 -10.40 -4.13 5.44
C VAL B 117 -11.32 -5.36 5.51
N LEU B 118 -12.39 -5.35 4.72
CA LEU B 118 -13.34 -6.45 4.73
C LEU B 118 -13.41 -7.09 3.39
N SER B 119 -14.12 -8.21 3.33
CA SER B 119 -14.34 -8.92 2.08
C SER B 119 -15.23 -7.90 1.30
N PRO B 120 -15.17 -7.90 -0.05
CA PRO B 120 -14.39 -8.68 -1.02
C PRO B 120 -12.90 -8.34 -1.21
N VAL B 121 -12.46 -7.29 -0.53
CA VAL B 121 -11.08 -6.87 -0.63
C VAL B 121 -10.11 -7.86 0.03
N THR B 122 -10.46 -8.36 1.21
CA THR B 122 -9.66 -9.38 1.89
C THR B 122 -9.81 -10.64 1.04
N VAL B 123 -9.07 -11.70 1.37
CA VAL B 123 -9.09 -12.93 0.57
C VAL B 123 -10.40 -13.66 0.60
N ASN B 124 -11.12 -13.55 1.73
CA ASN B 124 -12.40 -14.22 1.85
C ASN B 124 -13.24 -13.71 2.96
N ASP B 125 -14.45 -14.24 2.85
CA ASP B 125 -15.65 -14.13 3.69
C ASP B 125 -15.37 -14.06 5.21
N GLU B 126 -14.51 -14.96 5.70
CA GLU B 126 -14.15 -15.08 7.13
C GLU B 126 -12.91 -14.32 7.53
N THR B 127 -12.42 -13.48 6.62
CA THR B 127 -11.22 -12.70 6.86
C THR B 127 -11.40 -11.17 7.07
N ILE B 128 -11.19 -10.73 8.31
CA ILE B 128 -11.24 -9.30 8.60
C ILE B 128 -9.82 -8.85 9.03
N SER B 129 -9.28 -7.86 8.32
CA SER B 129 -7.95 -7.35 8.58
C SER B 129 -7.96 -6.01 9.32
N ILE B 130 -7.23 -5.93 10.43
CA ILE B 130 -7.16 -4.71 11.24
C ILE B 130 -5.71 -4.44 11.57
N SER B 131 -5.32 -3.17 11.58
CA SER B 131 -3.97 -2.80 11.94
C SER B 131 -3.99 -1.45 12.65
N ILE B 132 -3.41 -1.43 13.85
CA ILE B 132 -3.36 -0.25 14.73
C ILE B 132 -1.92 0.28 14.94
N ARG B 133 -1.75 1.59 14.79
CA ARG B 133 -0.46 2.24 14.90
C ARG B 133 -0.32 2.93 16.23
N ILE B 134 0.66 2.51 17.03
CA ILE B 134 0.86 3.11 18.34
C ILE B 134 1.72 4.39 18.26
N PRO B 135 1.19 5.52 18.77
CA PRO B 135 1.91 6.80 18.73
C PRO B 135 3.16 6.86 19.61
N SER B 136 4.05 7.80 19.29
CA SER B 136 5.26 8.03 20.08
C SER B 136 4.75 8.61 21.40
N LYS B 137 4.72 7.79 22.44
CA LYS B 137 4.19 8.29 23.70
C LYS B 137 5.25 8.49 24.77
N THR B 138 6.51 8.32 24.41
CA THR B 138 7.60 8.48 25.37
C THR B 138 8.63 9.50 24.91
N THR B 139 9.19 10.23 25.86
CA THR B 139 10.20 11.23 25.57
C THR B 139 11.53 10.76 26.15
N TYR B 140 12.51 10.61 25.27
CA TYR B 140 13.85 10.23 25.69
C TYR B 140 14.67 11.51 25.49
N PRO B 141 15.46 11.91 26.51
CA PRO B 141 16.29 13.11 26.46
C PRO B 141 17.39 12.96 25.42
N HIS B 142 17.78 14.05 24.78
CA HIS B 142 18.82 13.97 23.77
C HIS B 142 20.05 13.18 24.27
N SER B 143 20.41 13.39 25.53
CA SER B 143 21.54 12.72 26.16
C SER B 143 21.41 11.21 25.97
N PHE B 144 20.19 10.69 26.02
CA PHE B 144 19.96 9.24 25.83
C PHE B 144 20.36 8.79 24.42
N PHE B 145 19.97 9.57 23.40
CA PHE B 145 20.32 9.26 22.03
C PHE B 145 21.84 9.19 21.96
N GLU B 146 22.50 10.19 22.54
CA GLU B 146 23.96 10.21 22.54
C GLU B 146 24.55 8.93 23.14
N GLU B 147 24.04 8.55 24.31
CA GLU B 147 24.50 7.34 24.97
C GLU B 147 24.25 6.07 24.16
N GLN B 148 23.13 6.01 23.41
CA GLN B 148 22.83 4.83 22.59
C GLN B 148 23.63 4.75 21.28
N GLY B 149 24.49 5.75 21.06
CA GLY B 149 25.33 5.79 19.86
C GLY B 149 24.62 6.25 18.59
N PHE B 150 23.68 7.17 18.75
CA PHE B 150 22.91 7.67 17.63
C PHE B 150 23.81 8.20 16.51
N TYR B 151 24.89 8.89 16.88
CA TYR B 151 25.75 9.46 15.87
C TYR B 151 27.04 8.68 15.56
N ASN B 152 27.22 7.50 16.19
CA ASN B 152 28.44 6.68 16.00
C ASN B 152 28.73 6.28 14.55
N LEU B 153 27.72 6.29 13.69
CA LEU B 153 27.91 5.94 12.29
C LEU B 153 28.38 7.13 11.47
N LEU B 154 28.72 8.22 12.11
CA LEU B 154 29.16 9.40 11.37
C LEU B 154 30.66 9.66 11.51
N ASP B 155 31.25 10.24 10.47
CA ASP B 155 32.67 10.56 10.45
C ASP B 155 32.93 11.81 11.31
N ASN B 156 31.96 12.71 11.30
CA ASN B 156 32.00 13.98 12.05
C ASN B 156 31.04 13.93 13.23
N LYS B 157 31.26 12.99 14.14
CA LYS B 157 30.37 12.86 15.28
C LYS B 157 30.28 14.16 16.08
N GLU B 158 31.38 14.64 16.66
CA GLU B 158 31.34 15.89 17.42
C GLU B 158 30.85 17.10 16.62
N GLN B 159 30.97 17.05 15.30
CA GLN B 159 30.55 18.15 14.45
C GLN B 159 29.06 18.10 14.23
N ALA B 160 28.50 16.89 14.16
CA ALA B 160 27.05 16.72 13.97
C ALA B 160 26.35 17.16 15.26
N ILE B 161 26.77 16.57 16.38
CA ILE B 161 26.21 16.89 17.68
C ILE B 161 26.27 18.38 18.03
N SER B 162 27.17 19.14 17.42
CA SER B 162 27.27 20.57 17.71
C SER B 162 26.48 21.41 16.73
N ALA B 163 26.24 20.84 15.55
CA ALA B 163 25.49 21.53 14.51
C ALA B 163 24.02 21.49 14.90
N ILE B 164 23.61 20.37 15.47
CA ILE B 164 22.25 20.19 15.92
C ILE B 164 21.94 21.12 17.09
N LYS B 165 22.66 20.96 18.20
CA LYS B 165 22.42 21.80 19.38
C LYS B 165 22.41 23.29 19.10
N ASP B 166 23.47 23.77 18.43
CA ASP B 166 23.62 25.19 18.11
C ASP B 166 22.75 25.64 16.95
N GLY B 167 22.69 24.80 15.92
CA GLY B 167 21.87 25.12 14.77
C GLY B 167 20.46 25.47 15.22
N ILE B 168 19.83 24.52 15.93
CA ILE B 168 18.45 24.67 16.45
C ILE B 168 18.26 25.79 17.48
N ALA B 169 19.32 26.11 18.21
CA ALA B 169 19.25 27.17 19.19
C ALA B 169 19.08 28.49 18.44
N ILE B 170 19.68 28.57 17.25
CA ILE B 170 19.63 29.76 16.39
C ILE B 170 18.39 29.84 15.53
N GLY B 171 17.73 28.71 15.34
CA GLY B 171 16.51 28.69 14.57
C GLY B 171 16.67 28.42 13.09
N LYS B 172 17.27 27.29 12.76
CA LYS B 172 17.47 26.92 11.36
C LYS B 172 16.38 25.91 11.05
N ASN B 173 15.98 25.84 9.78
CA ASN B 173 14.94 24.92 9.34
C ASN B 173 15.48 23.50 9.21
N VAL B 174 15.12 22.63 10.17
CA VAL B 174 15.60 21.25 10.18
C VAL B 174 14.52 20.23 9.81
N ILE B 175 14.93 19.17 9.12
CA ILE B 175 14.01 18.13 8.71
C ILE B 175 14.55 16.79 9.13
N VAL B 176 13.68 15.89 9.58
CA VAL B 176 14.09 14.56 9.99
C VAL B 176 13.33 13.59 9.14
N CYS B 177 14.05 12.77 8.38
CA CYS B 177 13.42 11.82 7.50
C CYS B 177 13.94 10.41 7.69
N GLY B 178 13.27 9.46 7.08
CA GLY B 178 13.66 8.07 7.23
C GLY B 178 12.38 7.31 7.03
N GLY B 179 12.37 6.04 7.33
CA GLY B 179 11.14 5.29 7.12
C GLY B 179 10.28 5.15 8.36
N THR B 180 9.10 4.57 8.16
CA THR B 180 8.17 4.36 9.25
C THR B 180 8.77 3.61 10.45
N GLY B 181 8.56 4.19 11.64
CA GLY B 181 9.04 3.59 12.88
C GLY B 181 10.52 3.73 13.17
N SER B 182 11.19 4.60 12.41
CA SER B 182 12.62 4.81 12.57
C SER B 182 13.00 5.69 13.76
N GLY B 183 12.06 6.50 14.23
CA GLY B 183 12.33 7.34 15.37
C GLY B 183 12.41 8.83 15.12
N LYS B 184 11.92 9.31 13.98
CA LYS B 184 11.92 10.75 13.58
C LYS B 184 11.18 11.66 14.55
N THR B 185 9.96 11.26 14.91
CA THR B 185 9.15 12.00 15.87
C THR B 185 9.87 11.98 17.25
N THR B 186 10.34 10.82 17.70
CA THR B 186 11.04 10.74 18.98
C THR B 186 12.30 11.61 18.97
N TYR B 187 12.94 11.69 17.81
CA TYR B 187 14.12 12.50 17.67
C TYR B 187 13.80 14.00 17.76
N ILE B 188 12.88 14.50 16.93
CA ILE B 188 12.54 15.92 16.98
C ILE B 188 12.10 16.34 18.38
N LYS B 189 11.48 15.43 19.12
CA LYS B 189 11.02 15.70 20.49
C LYS B 189 12.21 16.00 21.40
N SER B 190 13.16 15.09 21.47
CA SER B 190 14.33 15.28 22.34
C SER B 190 15.14 16.51 21.97
N ILE B 191 15.10 16.88 20.69
CA ILE B 191 15.84 18.02 20.16
C ILE B 191 15.25 19.33 20.58
N MSE B 192 13.97 19.35 20.93
CA MSE B 192 13.32 20.58 21.35
C MSE B 192 14.01 21.19 22.56
O MSE B 192 13.77 22.37 22.85
CB MSE B 192 11.83 20.35 21.64
CG MSE B 192 10.96 20.18 20.39
SE MSE B 192 9.28 19.28 20.74
CE MSE B 192 8.38 20.74 21.67
N GLU B 193 14.83 20.42 23.27
CA GLU B 193 15.57 20.92 24.44
C GLU B 193 16.39 22.16 24.13
N PHE B 194 16.93 22.20 22.91
CA PHE B 194 17.80 23.29 22.48
C PHE B 194 17.13 24.50 21.87
N ILE B 195 15.79 24.51 21.89
CA ILE B 195 15.02 25.65 21.43
C ILE B 195 14.90 26.49 22.70
N PRO B 196 15.28 27.77 22.63
CA PRO B 196 15.22 28.64 23.82
C PRO B 196 13.83 28.59 24.47
N LYS B 197 13.79 28.56 25.80
CA LYS B 197 12.54 28.48 26.54
C LYS B 197 11.61 29.69 26.37
N GLU B 198 12.15 30.75 25.82
CA GLU B 198 11.37 31.95 25.61
C GLU B 198 10.57 31.94 24.30
N GLU B 199 10.75 30.89 23.49
CA GLU B 199 10.09 30.77 22.20
C GLU B 199 8.64 30.28 22.22
N ARG B 200 7.75 30.98 21.52
CA ARG B 200 6.36 30.54 21.41
C ARG B 200 6.38 29.42 20.36
N ILE B 201 5.91 28.23 20.74
CA ILE B 201 5.89 27.10 19.80
C ILE B 201 4.48 26.66 19.38
N ILE B 202 4.25 26.46 18.09
CA ILE B 202 2.95 26.01 17.63
C ILE B 202 3.15 24.72 16.86
N SER B 203 2.42 23.66 17.23
CA SER B 203 2.56 22.36 16.59
C SER B 203 1.33 21.93 15.80
N ILE B 204 1.52 21.10 14.78
CA ILE B 204 0.45 20.59 13.91
C ILE B 204 0.59 19.08 13.77
N GLU B 205 -0.30 18.37 14.44
CA GLU B 205 -0.24 16.92 14.41
C GLU B 205 -1.61 16.35 14.10
N ASP B 206 -1.62 15.04 13.93
CA ASP B 206 -2.84 14.30 13.65
C ASP B 206 -3.23 13.59 14.94
N THR B 207 -2.23 13.00 15.56
CA THR B 207 -2.30 12.30 16.84
C THR B 207 -1.38 13.06 17.83
N GLU B 208 -1.83 13.26 19.07
CA GLU B 208 -1.01 13.94 20.09
C GLU B 208 0.23 13.09 20.43
N GLU B 209 1.41 13.63 20.13
CA GLU B 209 2.67 12.94 20.36
C GLU B 209 3.74 13.80 20.98
N ILE B 210 3.79 15.07 20.57
CA ILE B 210 4.74 16.07 21.08
C ILE B 210 4.41 16.59 22.49
N VAL B 211 5.39 16.56 23.37
CA VAL B 211 5.17 17.05 24.72
C VAL B 211 5.99 18.33 24.90
N PHE B 212 5.61 19.16 25.86
CA PHE B 212 6.34 20.38 26.07
C PHE B 212 6.82 20.43 27.51
N LYS B 213 8.08 20.06 27.71
CA LYS B 213 8.68 20.04 29.03
C LYS B 213 9.63 21.20 29.24
N HIS B 214 9.88 21.98 28.19
CA HIS B 214 10.81 23.11 28.30
C HIS B 214 10.16 24.45 27.96
N HIS B 215 8.94 24.42 27.43
CA HIS B 215 8.26 25.63 26.99
C HIS B 215 6.88 25.79 27.62
N LYS B 216 6.58 27.04 27.99
CA LYS B 216 5.32 27.39 28.62
C LYS B 216 4.37 28.16 27.73
N ASN B 217 4.90 28.79 26.68
CA ASN B 217 4.05 29.53 25.77
C ASN B 217 3.98 28.67 24.52
N TYR B 218 2.82 28.05 24.31
CA TYR B 218 2.62 27.20 23.13
C TYR B 218 1.13 26.87 22.85
N THR B 219 0.82 26.44 21.63
CA THR B 219 -0.55 26.02 21.28
C THR B 219 -0.42 24.86 20.29
N GLN B 220 -1.20 23.80 20.55
CA GLN B 220 -1.25 22.58 19.74
C GLN B 220 -2.45 22.67 18.82
N LEU B 221 -2.29 22.21 17.58
CA LEU B 221 -3.36 22.22 16.58
C LEU B 221 -3.39 20.80 16.07
N PHE B 222 -4.58 20.25 15.87
CA PHE B 222 -4.70 18.88 15.38
C PHE B 222 -5.62 18.91 14.19
N PHE B 223 -5.39 18.03 13.22
CA PHE B 223 -6.27 17.98 12.04
C PHE B 223 -6.92 16.61 11.89
N GLY B 224 -8.04 16.56 11.18
CA GLY B 224 -8.76 15.31 10.98
C GLY B 224 -10.11 15.65 10.39
N GLY B 225 -10.78 14.68 9.78
CA GLY B 225 -12.09 14.95 9.19
C GLY B 225 -12.06 16.02 8.12
N ASN B 226 -12.83 17.07 8.30
CA ASN B 226 -12.89 18.16 7.33
C ASN B 226 -11.77 19.19 7.52
N ILE B 227 -11.04 19.10 8.63
CA ILE B 227 -9.95 20.04 8.93
C ILE B 227 -8.64 19.45 8.42
N THR B 228 -8.10 20.06 7.37
CA THR B 228 -6.86 19.62 6.72
C THR B 228 -5.61 20.15 7.41
N SER B 229 -4.48 19.60 7.03
CA SER B 229 -3.23 20.04 7.62
C SER B 229 -2.92 21.45 7.14
N ALA B 230 -3.34 21.74 5.91
CA ALA B 230 -3.11 23.03 5.30
C ALA B 230 -3.87 24.07 6.09
N ASP B 231 -5.06 23.69 6.56
CA ASP B 231 -5.93 24.57 7.34
C ASP B 231 -5.21 25.06 8.59
N CYS B 232 -4.70 24.10 9.36
CA CYS B 232 -3.99 24.37 10.61
C CYS B 232 -2.73 25.16 10.39
N LEU B 233 -1.99 24.84 9.33
CA LEU B 233 -0.79 25.59 8.99
C LEU B 233 -1.13 27.08 8.70
N LYS B 234 -2.20 27.29 7.93
CA LYS B 234 -2.74 28.60 7.54
C LYS B 234 -3.23 29.38 8.75
N SER B 235 -3.96 28.72 9.65
CA SER B 235 -4.36 29.35 10.93
C SER B 235 -3.10 29.69 11.77
N CYS B 236 -2.17 28.73 11.84
CA CYS B 236 -0.90 28.87 12.56
C CYS B 236 -0.20 30.22 12.25
N LEU B 237 -0.08 30.54 10.96
CA LEU B 237 0.57 31.77 10.54
C LEU B 237 -0.13 33.02 11.02
N ARG B 238 -1.37 32.88 11.44
CA ARG B 238 -2.18 33.99 11.94
C ARG B 238 -2.19 33.99 13.48
N MSE B 239 -1.30 33.19 14.09
CA MSE B 239 -1.20 33.06 15.54
C MSE B 239 0.12 33.53 16.15
O MSE B 239 0.34 33.34 17.35
CB MSE B 239 -1.47 31.62 15.92
CG MSE B 239 -2.89 31.21 15.62
SE MSE B 239 -3.23 29.29 15.70
CE MSE B 239 -3.41 28.96 17.63
N ARG B 240 0.99 34.11 15.31
CA ARG B 240 2.29 34.67 15.72
C ARG B 240 3.28 33.73 16.41
N PRO B 241 3.62 32.59 15.79
CA PRO B 241 4.57 31.66 16.44
C PRO B 241 6.03 32.12 16.32
N ASP B 242 6.92 31.46 17.05
CA ASP B 242 8.36 31.75 16.98
C ASP B 242 8.92 30.54 16.22
N ARG B 243 8.45 29.36 16.61
CA ARG B 243 8.86 28.12 15.97
C ARG B 243 7.61 27.34 15.60
N ILE B 244 7.72 26.54 14.56
CA ILE B 244 6.58 25.76 14.13
C ILE B 244 7.04 24.34 13.97
N ILE B 245 6.35 23.44 14.66
CA ILE B 245 6.63 22.03 14.59
C ILE B 245 5.48 21.39 13.83
N LEU B 246 5.79 20.93 12.63
CA LEU B 246 4.81 20.28 11.84
C LEU B 246 5.10 18.78 12.00
N GLY B 247 4.20 18.10 12.72
CA GLY B 247 4.34 16.69 12.97
C GLY B 247 4.92 15.94 11.78
N GLU B 248 4.22 15.91 10.65
CA GLU B 248 4.75 15.19 9.50
C GLU B 248 4.24 15.66 8.13
N LEU B 249 5.15 15.82 7.17
CA LEU B 249 4.74 16.27 5.84
C LEU B 249 4.06 15.17 5.04
N ARG B 250 2.96 15.51 4.39
CA ARG B 250 2.26 14.53 3.58
C ARG B 250 2.07 15.19 2.20
N SER B 251 0.86 15.22 1.68
CA SER B 251 0.66 15.77 0.34
C SER B 251 0.70 17.27 0.04
N SER B 252 -0.49 17.85 -0.11
CA SER B 252 -0.68 19.27 -0.37
C SER B 252 0.04 20.23 0.58
N GLU B 253 0.15 19.89 1.85
CA GLU B 253 0.82 20.74 2.89
C GLU B 253 2.23 21.11 2.43
N ALA B 254 2.84 20.22 1.63
CA ALA B 254 4.19 20.42 1.11
C ALA B 254 4.35 21.84 0.57
N TYR B 255 3.51 22.22 -0.38
CA TYR B 255 3.57 23.56 -0.97
C TYR B 255 3.33 24.72 0.00
N ASP B 256 2.37 24.56 0.93
CA ASP B 256 2.12 25.61 1.90
C ASP B 256 3.32 25.74 2.78
N PHE B 257 3.98 24.61 3.00
CA PHE B 257 5.18 24.54 3.79
C PHE B 257 6.25 25.37 3.08
N TYR B 258 6.40 25.15 1.78
CA TYR B 258 7.37 25.88 0.95
C TYR B 258 7.29 27.38 1.18
N ASN B 259 6.10 27.94 1.01
CA ASN B 259 5.92 29.37 1.20
C ASN B 259 6.38 29.84 2.58
N VAL B 260 6.03 29.09 3.62
CA VAL B 260 6.41 29.48 4.96
C VAL B 260 7.92 29.64 5.09
N LEU B 261 8.67 28.89 4.31
CA LEU B 261 10.12 28.96 4.37
C LEU B 261 10.57 30.18 3.55
N CYS B 262 9.93 30.40 2.42
CA CYS B 262 10.21 31.48 1.56
C CYS B 262 9.89 32.88 2.13
N SER B 263 9.19 32.92 3.29
CA SER B 263 8.85 34.20 3.85
C SER B 263 9.89 34.59 4.94
N GLY B 264 10.99 33.86 4.98
CA GLY B 264 12.02 34.09 5.98
C GLY B 264 11.71 33.54 7.39
N HIS B 265 10.51 33.01 7.60
CA HIS B 265 10.13 32.48 8.91
C HIS B 265 11.18 31.69 9.71
N LYS B 266 11.26 31.98 11.00
CA LYS B 266 12.16 31.31 11.95
C LYS B 266 12.05 29.76 12.05
N GLY B 267 13.17 29.14 12.42
CA GLY B 267 13.28 27.68 12.60
C GLY B 267 12.02 26.81 12.58
N THR B 268 11.86 26.03 11.52
CA THR B 268 10.72 25.10 11.40
C THR B 268 11.34 23.72 11.52
N LEU B 269 10.61 22.81 12.13
CA LEU B 269 11.08 21.45 12.35
C LEU B 269 9.98 20.57 11.83
N THR B 270 10.34 19.53 11.09
CA THR B 270 9.32 18.65 10.55
C THR B 270 9.91 17.27 10.25
N THR B 271 9.02 16.31 9.99
CA THR B 271 9.43 14.94 9.64
C THR B 271 8.80 14.58 8.30
N LEU B 272 9.53 13.74 7.57
CA LEU B 272 9.18 13.30 6.22
C LEU B 272 9.65 11.86 5.90
N HIS B 273 8.90 11.15 5.07
CA HIS B 273 9.33 9.82 4.66
C HIS B 273 10.17 9.93 3.42
N ALA B 274 11.49 9.77 3.56
CA ALA B 274 12.40 9.85 2.44
C ALA B 274 13.62 8.97 2.72
N GLY B 275 14.21 8.40 1.66
CA GLY B 275 15.36 7.53 1.85
C GLY B 275 16.69 8.23 2.12
N SER B 276 16.79 9.49 1.72
CA SER B 276 18.04 10.20 1.90
C SER B 276 17.87 11.69 1.66
N SER B 277 18.93 12.45 1.94
CA SER B 277 18.91 13.89 1.75
C SER B 277 18.37 14.23 0.38
N GLU B 278 19.09 13.82 -0.66
CA GLU B 278 18.70 14.10 -2.05
C GLU B 278 17.30 13.60 -2.39
N GLU B 279 16.92 12.42 -1.88
CA GLU B 279 15.58 11.89 -2.14
C GLU B 279 14.51 12.78 -1.49
N ALA B 280 14.92 13.48 -0.43
CA ALA B 280 14.04 14.39 0.29
C ALA B 280 13.78 15.63 -0.56
N PHE B 281 14.85 16.30 -1.00
CA PHE B 281 14.74 17.51 -1.83
C PHE B 281 13.88 17.27 -3.07
N ILE B 282 13.92 16.02 -3.56
CA ILE B 282 13.16 15.60 -4.74
C ILE B 282 11.73 15.32 -4.33
N ARG B 283 11.58 14.65 -3.19
CA ARG B 283 10.26 14.32 -2.63
C ARG B 283 9.46 15.59 -2.25
N LEU B 284 10.13 16.63 -1.74
CA LEU B 284 9.46 17.89 -1.37
C LEU B 284 8.94 18.60 -2.61
N ALA B 285 9.68 18.49 -3.72
CA ALA B 285 9.29 19.08 -4.99
C ALA B 285 8.06 18.36 -5.54
N ASN B 286 8.07 17.03 -5.48
CA ASN B 286 6.93 16.24 -5.94
C ASN B 286 5.63 16.60 -5.24
N MSE B 287 5.55 16.32 -3.93
CA MSE B 287 4.35 16.59 -3.11
C MSE B 287 3.89 18.02 -3.24
O MSE B 287 2.70 18.32 -3.10
CB MSE B 287 4.60 16.33 -1.61
CG MSE B 287 5.17 14.97 -1.25
SE MSE B 287 5.63 14.84 0.66
CE MSE B 287 7.15 16.03 0.69
N SER B 288 4.84 18.92 -3.47
CA SER B 288 4.54 20.33 -3.62
C SER B 288 3.82 20.62 -4.96
N SER B 289 4.03 19.76 -5.96
CA SER B 289 3.41 19.93 -7.28
C SER B 289 1.96 19.44 -7.31
N SER B 290 1.61 18.56 -6.37
CA SER B 290 0.24 18.01 -6.26
C SER B 290 -0.75 19.08 -5.81
N ASN B 291 -0.24 20.24 -5.36
CA ASN B 291 -1.11 21.34 -4.93
C ASN B 291 -1.22 22.41 -6.01
N SER B 292 -2.46 22.71 -6.38
CA SER B 292 -2.85 23.68 -7.41
C SER B 292 -1.93 24.87 -7.66
N ALA B 293 -1.84 25.78 -6.69
CA ALA B 293 -1.02 26.98 -6.80
C ALA B 293 0.47 26.70 -7.02
N ALA B 294 0.78 25.61 -7.70
CA ALA B 294 2.16 25.26 -7.97
C ALA B 294 2.27 24.96 -9.47
N ARG B 295 1.11 24.89 -10.11
CA ARG B 295 1.03 24.61 -11.54
C ARG B 295 2.08 25.36 -12.35
N ASN B 296 2.06 26.68 -12.26
CA ASN B 296 2.99 27.55 -13.00
C ASN B 296 4.44 27.55 -12.47
N ILE B 297 4.77 26.64 -11.57
CA ILE B 297 6.12 26.56 -11.01
C ILE B 297 6.89 25.37 -11.58
N LYS B 298 8.14 25.61 -11.95
CA LYS B 298 9.01 24.57 -12.51
C LYS B 298 9.53 23.63 -11.43
N PHE B 299 9.64 22.34 -11.77
CA PHE B 299 10.13 21.32 -10.84
C PHE B 299 11.55 21.68 -10.37
N GLU B 300 12.35 22.21 -11.28
CA GLU B 300 13.72 22.62 -10.96
C GLU B 300 13.67 23.85 -10.04
N SER B 301 12.66 24.69 -10.21
CA SER B 301 12.47 25.90 -9.39
C SER B 301 12.13 25.50 -7.94
N LEU B 302 11.28 24.49 -7.81
CA LEU B 302 10.86 23.96 -6.51
C LEU B 302 11.98 23.21 -5.79
N ILE B 303 12.72 22.36 -6.51
CA ILE B 303 13.80 21.61 -5.87
C ILE B 303 14.90 22.53 -5.37
N GLU B 304 15.27 23.52 -6.18
CA GLU B 304 16.31 24.43 -5.75
C GLU B 304 15.83 25.35 -4.65
N GLY B 305 14.53 25.64 -4.63
CA GLY B 305 14.01 26.50 -3.59
C GLY B 305 14.21 25.87 -2.23
N PHE B 306 13.88 24.59 -2.15
CA PHE B 306 14.00 23.86 -0.89
C PHE B 306 15.44 23.72 -0.47
N LYS B 307 16.33 23.49 -1.44
CA LYS B 307 17.76 23.33 -1.15
C LYS B 307 18.38 24.57 -0.50
N ASP B 308 17.95 25.74 -0.93
CA ASP B 308 18.50 26.99 -0.39
C ASP B 308 17.90 27.31 0.98
N LEU B 309 16.64 26.90 1.18
CA LEU B 309 15.94 27.15 2.44
C LEU B 309 16.14 26.12 3.55
N ILE B 310 16.33 24.85 3.20
CA ILE B 310 16.53 23.87 4.24
C ILE B 310 17.97 23.97 4.74
N ASP B 311 18.13 24.21 6.03
CA ASP B 311 19.44 24.37 6.66
C ASP B 311 20.17 23.06 7.00
N MSE B 312 19.41 22.01 7.27
CA MSE B 312 20.03 20.73 7.56
C MSE B 312 19.04 19.58 7.64
O MSE B 312 18.00 19.68 8.28
CB MSE B 312 20.86 20.80 8.83
CG MSE B 312 20.20 21.46 10.00
SE MSE B 312 21.48 21.28 11.44
CE MSE B 312 22.62 22.84 11.13
N ILE B 313 19.38 18.49 6.95
CA ILE B 313 18.54 17.31 6.93
C ILE B 313 19.23 16.18 7.70
N VAL B 314 18.45 15.41 8.45
CA VAL B 314 18.95 14.28 9.23
C VAL B 314 18.17 13.04 8.83
N HIS B 315 18.86 12.02 8.31
CA HIS B 315 18.22 10.78 7.92
C HIS B 315 18.51 9.70 8.94
N ILE B 316 17.55 8.78 9.12
CA ILE B 316 17.66 7.68 10.08
C ILE B 316 17.38 6.29 9.45
N ASN B 317 18.32 5.37 9.60
CA ASN B 317 18.16 4.05 9.01
C ASN B 317 17.16 3.18 9.77
N HIS B 318 17.14 1.89 9.43
CA HIS B 318 16.23 0.93 10.05
C HIS B 318 16.73 0.35 11.37
N HIS B 319 17.89 0.84 11.82
CA HIS B 319 18.49 0.43 13.09
C HIS B 319 18.43 1.56 14.09
N LYS B 320 17.71 2.61 13.72
CA LYS B 320 17.53 3.80 14.55
C LYS B 320 18.82 4.59 14.78
N GLN B 321 19.59 4.75 13.70
CA GLN B 321 20.84 5.50 13.76
C GLN B 321 20.97 6.46 12.58
N CYS B 322 21.55 7.64 12.85
CA CYS B 322 21.77 8.61 11.79
C CYS B 322 22.90 8.12 10.92
N ASP B 323 22.63 8.03 9.63
CA ASP B 323 23.64 7.58 8.71
C ASP B 323 23.90 8.66 7.65
N GLU B 324 23.41 9.87 7.89
CA GLU B 324 23.65 10.99 7.00
C GLU B 324 23.23 12.29 7.68
N PHE B 325 24.15 13.25 7.75
CA PHE B 325 23.86 14.52 8.40
C PHE B 325 24.17 15.69 7.45
N TYR B 326 23.28 15.90 6.49
CA TYR B 326 23.43 16.98 5.50
C TYR B 326 23.33 18.37 6.13
N ILE B 327 24.32 19.23 5.87
CA ILE B 327 24.28 20.61 6.38
C ILE B 327 24.51 21.53 5.16
N LYS B 328 23.91 22.71 5.14
CA LYS B 328 24.08 23.67 4.02
C LYS B 328 25.37 24.56 4.14
PB ADP C . 2.71 -14.01 -16.70
O1B ADP C . 3.87 -13.25 -17.20
O2B ADP C . 1.57 -14.09 -17.82
O3B ADP C . 2.17 -13.36 -15.43
PA ADP C . 2.51 -16.67 -15.76
O1A ADP C . 1.42 -16.16 -14.92
O2A ADP C . 3.51 -17.34 -14.94
O3A ADP C . 3.12 -15.48 -16.52
O5' ADP C . 1.93 -17.62 -16.92
C5' ADP C . 2.73 -18.51 -17.71
C4' ADP C . 2.25 -20.00 -17.67
O4' ADP C . 3.42 -20.81 -17.85
C3' ADP C . 1.62 -20.45 -16.37
O3' ADP C . 0.44 -21.23 -16.58
C2' ADP C . 2.67 -21.23 -15.65
O2' ADP C . 2.10 -22.24 -14.81
C1' ADP C . 3.62 -21.73 -16.77
N9 ADP C . 5.08 -21.61 -16.41
C8 ADP C . 5.67 -20.53 -15.89
N7 ADP C . 6.96 -20.73 -15.68
C5 ADP C . 7.24 -21.92 -16.06
C6 ADP C . 8.44 -22.73 -16.05
N6 ADP C . 9.61 -22.21 -15.61
N1 ADP C . 8.39 -24.02 -16.55
C2 ADP C . 7.21 -24.58 -17.02
N3 ADP C . 6.04 -23.81 -17.01
C4 ADP C . 6.02 -22.53 -16.52
PB ADP D . 8.46 7.56 13.41
O1B ADP D . 9.65 7.82 12.58
O2B ADP D . 7.53 6.47 12.71
O3B ADP D . 7.70 8.84 13.65
PA ADP D . 8.73 7.17 16.34
O1A ADP D . 7.28 7.25 16.62
O2A ADP D . 9.42 8.41 16.75
O3A ADP D . 8.91 6.87 14.77
O5' ADP D . 9.39 5.86 17.05
C5' ADP D . 8.84 4.50 16.97
C4' ADP D . 8.98 3.73 18.31
O4' ADP D . 10.37 3.47 18.62
C3' ADP D . 8.42 4.49 19.49
O3' ADP D . 7.49 3.68 20.22
C2' ADP D . 9.58 4.93 20.34
O2' ADP D . 9.27 4.92 21.74
C1' ADP D . 10.74 4.01 19.91
N9 ADP D . 12.11 4.73 19.74
C8 ADP D . 12.34 5.80 18.96
N7 ADP D . 13.61 6.17 19.02
C5 ADP D . 14.22 5.37 19.82
C6 ADP D . 15.57 5.25 20.28
N6 ADP D . 16.52 6.11 19.83
N1 ADP D . 15.89 4.21 21.18
C2 ADP D . 14.93 3.32 21.63
N3 ADP D . 13.62 3.45 21.19
C4 ADP D . 13.24 4.42 20.30
C1 PEG E . -0.06 -19.54 17.59
O1 PEG E . -0.27 -20.41 16.48
C2 PEG E . 1.20 -18.67 17.38
O2 PEG E . 1.30 -17.85 18.56
C3 PEG E . 1.68 -18.56 19.83
C4 PEG E . 1.77 -17.70 21.10
O4 PEG E . 0.42 -17.45 21.67
C1 PEG F . 0.46 -16.63 22.88
C2 PEG F . -1.00 -16.44 23.34
O2 PEG F . -2.56 -14.42 23.70
C3 PEG F . -1.34 -15.15 23.90
C4 PEG F . -2.58 -13.05 24.45
O4 PEG F . -1.68 -13.06 25.63
C1 PEG G . -1.20 -11.79 26.11
C2 PEG G . -1.31 -11.83 27.66
O2 PEG G . -1.51 -10.06 29.48
C3 PEG G . -1.58 -8.52 29.59
C4 PEG G . -1.56 -10.44 28.05
O4 PEG G . -0.30 -7.99 29.14
C1 PEG H . -0.05 -6.70 29.74
C2 PEG H . 1.29 -6.11 29.32
O2 PEG H . 3.40 -5.47 30.32
C3 PEG H . 4.19 -5.42 31.62
C4 PEG H . 2.06 -6.02 30.54
O4 PEG H . 3.40 -4.98 32.79
C2 PEG I . 3.06 -2.52 34.98
O2 PEG I . 3.16 -3.94 34.88
C3 PEG I . 4.16 -4.30 33.77
#